data_5GQ1
#
_entry.id   5GQ1
#
_cell.length_a   52.109
_cell.length_b   159.654
_cell.length_c   75.606
_cell.angle_alpha   90.00
_cell.angle_beta   90.16
_cell.angle_gamma   90.00
#
_symmetry.space_group_name_H-M   'P 1 21 1'
#
loop_
_entity.id
_entity.type
_entity.pdbx_description
1 polymer 'Genome polyprotein'
2 non-polymer 'ZINC ION'
3 non-polymer 'PHOSPHATE ION'
4 water water
#
_entity_poly.entity_id   1
_entity_poly.type   'polypeptide(L)'
_entity_poly.pdbx_seq_one_letter_code
;SKHRIEPVCLIIRGSPGTGKSLATGIIARAIADKYHSSVYSLPPDPDHFDGYKQQVVTVMDDLCQNPDGKDMSLFCQMVS
TVDFIPPMASLAEAGVSFTSKFVIASTNATNIIVPTVSDSDAIRRRFYMDCDIEVTDSYKTDLGRLDAGRAAKLCSENNT
ANFKRCSPLVCGKAIQLRDRKSKVRYSVDTVVSELIREYSNRSAIGNTIEALFQ
;
_entity_poly.pdbx_strand_id   A,B,C,D,E,F
#
loop_
_chem_comp.id
_chem_comp.type
_chem_comp.name
_chem_comp.formula
PO4 non-polymer 'PHOSPHATE ION' 'O4 P -3'
ZN non-polymer 'ZINC ION' 'Zn 2'
#
# COMPACT_ATOMS: atom_id res chain seq x y z
N LYS A 2 7.28 31.21 39.68
CA LYS A 2 7.96 29.92 39.73
C LYS A 2 7.84 29.19 38.40
N HIS A 3 7.55 29.94 37.32
CA HIS A 3 7.10 29.32 36.08
C HIS A 3 8.15 29.48 34.96
N ARG A 4 7.73 29.30 33.70
CA ARG A 4 8.69 28.93 32.66
C ARG A 4 8.22 29.34 31.29
N ILE A 5 9.17 29.31 30.35
CA ILE A 5 8.92 29.55 28.93
C ILE A 5 8.12 28.38 28.36
N GLU A 6 7.07 28.67 27.60
CA GLU A 6 6.23 27.60 27.07
C GLU A 6 7.05 26.82 26.06
N PRO A 7 7.08 25.49 26.14
CA PRO A 7 7.88 24.74 25.15
C PRO A 7 7.34 24.92 23.73
N VAL A 8 8.24 25.07 22.76
CA VAL A 8 7.78 25.19 21.37
C VAL A 8 7.33 23.81 20.91
N CYS A 9 6.10 23.73 20.45
CA CYS A 9 5.46 22.45 20.19
C CYS A 9 5.18 22.27 18.69
N LEU A 10 5.46 21.06 18.23
CA LEU A 10 5.23 20.58 16.88
C LEU A 10 4.31 19.37 17.01
N ILE A 11 3.17 19.40 16.31
CA ILE A 11 2.38 18.19 16.10
C ILE A 11 2.41 17.83 14.62
N ILE A 12 2.53 16.53 14.34
CA ILE A 12 2.70 15.98 12.99
C ILE A 12 1.53 15.04 12.72
N ARG A 13 0.69 15.38 11.77
CA ARG A 13 -0.49 14.58 11.46
C ARG A 13 -0.23 13.69 10.24
N GLY A 14 -0.56 12.42 10.35
CA GLY A 14 -0.43 11.57 9.20
C GLY A 14 -1.01 10.17 9.28
N SER A 15 -1.50 9.71 8.13
CA SER A 15 -1.92 8.32 8.02
C SER A 15 -0.82 7.40 8.54
N PRO A 16 -1.17 6.25 9.10
CA PRO A 16 -0.14 5.41 9.71
C PRO A 16 0.74 4.77 8.63
N GLY A 17 2.01 4.58 8.97
CA GLY A 17 2.94 4.06 7.99
C GLY A 17 3.49 5.07 7.00
N THR A 18 3.32 6.36 7.25
CA THR A 18 3.85 7.43 6.41
C THR A 18 5.14 8.06 6.98
N GLY A 19 5.88 7.33 7.82
CA GLY A 19 7.11 7.86 8.38
C GLY A 19 6.90 8.74 9.58
N LYS A 20 5.71 8.68 10.17
CA LYS A 20 5.30 9.61 11.22
C LYS A 20 6.18 9.49 12.45
N SER A 21 6.42 8.26 12.89
CA SER A 21 7.24 8.00 14.07
C SER A 21 8.74 8.10 13.79
N LEU A 22 9.17 7.80 12.54
CA LEU A 22 10.53 8.15 12.14
C LEU A 22 10.77 9.64 12.28
N ALA A 23 9.87 10.44 11.71
CA ALA A 23 10.03 11.90 11.73
C ALA A 23 10.10 12.44 13.15
N THR A 24 9.23 11.96 14.06
CA THR A 24 9.33 12.42 15.44
C THR A 24 10.65 11.98 16.06
N GLY A 25 11.02 10.71 15.87
CA GLY A 25 12.31 10.22 16.31
C GLY A 25 13.42 11.20 15.99
N ILE A 26 13.56 11.54 14.69
CA ILE A 26 14.73 12.24 14.16
C ILE A 26 14.74 13.71 14.53
N ILE A 27 13.58 14.36 14.52
CA ILE A 27 13.50 15.77 14.90
C ILE A 27 13.86 15.94 16.37
N ALA A 28 13.30 15.08 17.23
CA ALA A 28 13.67 15.09 18.64
C ALA A 28 15.17 14.92 18.80
N ARG A 29 15.72 13.85 18.22
CA ARG A 29 17.13 13.55 18.44
C ARG A 29 18.03 14.68 17.98
N ALA A 30 17.72 15.29 16.84
CA ALA A 30 18.60 16.35 16.37
C ALA A 30 18.50 17.57 17.27
N ILE A 31 17.27 18.00 17.56
CA ILE A 31 17.07 19.12 18.47
C ILE A 31 17.78 18.83 19.79
N ALA A 32 17.59 17.63 20.32
CA ALA A 32 18.32 17.22 21.52
C ALA A 32 19.83 17.35 21.35
N ASP A 33 20.35 17.02 20.16
CA ASP A 33 21.80 17.13 19.90
C ASP A 33 22.27 18.57 20.00
N LYS A 34 21.47 19.52 19.52
CA LYS A 34 21.91 20.91 19.57
C LYS A 34 22.06 21.38 21.01
N TYR A 35 21.23 20.88 21.90
CA TYR A 35 21.24 21.28 23.30
C TYR A 35 21.83 20.17 24.16
N HIS A 36 22.62 19.29 23.56
CA HIS A 36 23.42 18.32 24.31
C HIS A 36 22.60 17.65 25.40
N SER A 37 21.33 17.35 25.08
CA SER A 37 20.54 16.56 26.01
C SER A 37 20.11 15.26 25.35
N SER A 38 18.90 14.80 25.64
CA SER A 38 18.42 13.53 25.15
C SER A 38 16.91 13.60 24.94
N VAL A 39 16.33 12.49 24.54
CA VAL A 39 14.92 12.41 24.23
C VAL A 39 14.28 11.55 25.30
N TYR A 40 13.26 12.09 25.94
CA TYR A 40 12.30 11.32 26.71
C TYR A 40 11.06 11.09 25.87
N SER A 41 10.73 9.82 25.63
CA SER A 41 9.55 9.44 24.86
C SER A 41 8.42 9.03 25.78
N LEU A 42 7.34 9.73 25.71
CA LEU A 42 6.19 9.35 26.50
C LEU A 42 5.50 8.12 25.89
N PRO A 43 5.05 7.17 26.69
CA PRO A 43 4.37 5.99 26.15
C PRO A 43 2.99 6.35 25.63
N PRO A 44 2.38 5.48 24.82
CA PRO A 44 1.00 5.73 24.41
C PRO A 44 0.04 5.59 25.59
N ASP A 45 -0.99 6.43 25.62
CA ASP A 45 -1.94 6.45 26.72
C ASP A 45 -1.16 6.62 28.04
N PRO A 46 -0.38 7.67 28.18
CA PRO A 46 0.59 7.72 29.30
C PRO A 46 -0.07 7.92 30.65
N ASP A 47 0.40 7.17 31.64
CA ASP A 47 -0.02 7.33 33.02
C ASP A 47 1.04 8.04 33.83
N HIS A 48 2.31 7.75 33.57
CA HIS A 48 3.39 8.20 34.44
C HIS A 48 4.62 8.53 33.60
N PHE A 49 5.41 9.51 34.06
CA PHE A 49 6.57 9.98 33.32
C PHE A 49 7.85 9.29 33.72
N ASP A 50 7.82 8.01 34.05
CA ASP A 50 9.04 7.36 34.56
C ASP A 50 10.14 7.44 33.53
N GLY A 51 11.27 8.02 33.93
CA GLY A 51 12.41 8.17 33.05
C GLY A 51 12.62 9.58 32.59
N TYR A 52 11.70 10.48 32.92
CA TYR A 52 11.82 11.88 32.50
C TYR A 52 12.81 12.60 33.42
N LYS A 53 14.01 12.86 32.88
CA LYS A 53 15.13 13.49 33.57
C LYS A 53 15.41 14.89 33.05
N GLN A 54 14.34 15.68 32.87
CA GLN A 54 14.46 17.04 32.34
C GLN A 54 15.19 17.08 30.99
N GLN A 55 15.03 16.03 30.18
CA GLN A 55 15.41 16.06 28.78
C GLN A 55 14.85 17.30 28.08
N VAL A 56 15.63 17.84 27.13
CA VAL A 56 15.21 19.06 26.45
C VAL A 56 14.00 18.79 25.58
N VAL A 57 13.85 17.57 25.11
CA VAL A 57 12.76 17.23 24.21
C VAL A 57 12.02 16.07 24.80
N THR A 58 10.72 16.14 24.78
CA THR A 58 9.88 14.99 25.07
C THR A 58 8.97 14.79 23.88
N VAL A 59 8.85 13.54 23.48
CA VAL A 59 8.10 13.15 22.33
C VAL A 59 6.86 12.50 22.85
N MET A 60 5.76 12.69 22.14
CA MET A 60 4.47 12.19 22.61
C MET A 60 3.79 11.57 21.39
N ASP A 61 4.18 10.33 21.10
CA ASP A 61 3.71 9.69 19.89
C ASP A 61 2.23 9.33 20.01
N ASP A 62 1.52 9.45 18.90
CA ASP A 62 0.16 8.93 18.81
C ASP A 62 -0.73 9.55 19.88
N LEU A 63 -0.47 10.83 20.14
CA LEU A 63 -1.38 11.66 20.92
C LEU A 63 -2.84 11.36 20.61
N CYS A 64 -3.61 11.17 21.66
CA CYS A 64 -5.05 11.00 21.53
C CYS A 64 -5.38 9.75 20.72
N GLN A 65 -4.68 8.66 21.02
CA GLN A 65 -5.30 7.36 20.76
C GLN A 65 -6.74 7.53 21.20
N ASN A 66 -7.62 6.67 20.78
CA ASN A 66 -9.00 7.16 20.81
C ASN A 66 -9.69 7.17 22.19
N PRO A 67 -9.12 6.51 23.30
CA PRO A 67 -9.99 6.21 24.46
C PRO A 67 -10.77 7.40 25.05
N ASP A 68 -10.16 8.26 25.89
CA ASP A 68 -10.99 9.11 26.73
C ASP A 68 -10.51 10.55 26.94
N GLY A 69 -9.47 11.01 26.24
CA GLY A 69 -9.03 12.39 26.35
C GLY A 69 -8.05 12.65 27.47
N LYS A 70 -7.62 11.61 28.18
CA LYS A 70 -6.57 11.77 29.16
C LYS A 70 -5.33 12.42 28.55
N ASP A 71 -5.15 12.34 27.22
CA ASP A 71 -3.92 12.81 26.59
C ASP A 71 -3.92 14.32 26.41
N MET A 72 -5.07 14.92 26.08
CA MET A 72 -5.10 16.36 25.86
C MET A 72 -4.97 17.12 27.17
N SER A 73 -5.39 16.52 28.29
CA SER A 73 -5.18 17.20 29.55
C SER A 73 -3.71 17.11 29.96
N LEU A 74 -3.03 16.01 29.64
CA LEU A 74 -1.62 15.90 29.94
C LEU A 74 -0.83 16.89 29.09
N PHE A 75 -1.21 17.00 27.83
CA PHE A 75 -0.50 17.84 26.89
C PHE A 75 -0.69 19.32 27.19
N CYS A 76 -1.84 19.70 27.76
CA CYS A 76 -2.06 21.11 28.08
C CYS A 76 -1.25 21.53 29.30
N GLN A 77 -0.91 20.57 30.15
CA GLN A 77 -0.05 20.86 31.29
C GLN A 77 1.43 20.91 30.88
N MET A 78 1.88 20.01 30.02
CA MET A 78 3.27 20.06 29.56
C MET A 78 3.54 21.30 28.74
N VAL A 79 2.59 21.71 27.93
CA VAL A 79 2.86 22.85 27.06
C VAL A 79 2.18 24.06 27.67
N SER A 80 2.81 24.61 28.70
CA SER A 80 2.28 25.80 29.34
C SER A 80 3.40 26.51 30.07
N THR A 81 3.10 27.73 30.50
CA THR A 81 4.00 28.51 31.35
C THR A 81 3.96 28.04 32.80
N VAL A 82 2.85 27.44 33.24
CA VAL A 82 2.62 27.06 34.62
C VAL A 82 3.46 25.85 35.03
N ASP A 83 3.85 25.82 36.31
CA ASP A 83 4.58 24.67 36.84
C ASP A 83 3.79 23.37 36.67
N PHE A 84 4.51 22.27 36.46
CA PHE A 84 3.88 20.96 36.30
C PHE A 84 4.84 19.90 36.83
N ILE A 85 4.38 19.13 37.81
CA ILE A 85 5.17 18.03 38.39
C ILE A 85 4.44 16.76 38.00
N PRO A 86 4.89 16.03 36.97
CA PRO A 86 4.05 14.97 36.44
C PRO A 86 4.13 13.74 37.32
N PRO A 87 3.05 13.03 37.47
CA PRO A 87 3.10 11.79 38.24
C PRO A 87 4.15 10.78 37.74
N MET A 88 4.61 9.90 38.62
CA MET A 88 5.63 8.90 38.34
C MET A 88 5.20 7.61 39.02
N ALA A 89 5.63 6.45 38.48
CA ALA A 89 5.22 5.20 39.11
C ALA A 89 6.02 4.95 40.39
N SER A 90 7.34 5.14 40.34
CA SER A 90 8.15 4.91 41.52
C SER A 90 8.48 6.22 42.20
N LEU A 91 8.63 6.16 43.52
CA LEU A 91 8.97 7.34 44.31
C LEU A 91 10.40 7.83 44.05
N ALA A 92 11.24 6.98 43.46
CA ALA A 92 12.66 7.34 43.28
C ALA A 92 12.87 8.64 42.50
N GLU A 93 11.98 8.97 41.57
CA GLU A 93 12.10 10.20 40.78
C GLU A 93 10.77 10.94 40.78
N ALA A 94 10.26 11.26 41.96
CA ALA A 94 9.00 12.00 42.10
C ALA A 94 9.30 13.42 42.55
N GLY A 95 8.67 14.39 41.91
CA GLY A 95 8.81 15.79 42.29
C GLY A 95 9.49 16.68 41.26
N VAL A 96 10.12 16.10 40.22
CA VAL A 96 10.82 16.92 39.24
C VAL A 96 9.82 17.71 38.41
N SER A 97 10.13 18.99 38.16
CA SER A 97 9.31 19.84 37.30
C SER A 97 9.54 19.49 35.84
N PHE A 98 8.51 19.76 35.02
CA PHE A 98 8.60 19.55 33.58
C PHE A 98 9.29 20.75 32.93
N THR A 99 10.49 20.52 32.35
CA THR A 99 11.24 21.65 31.80
C THR A 99 11.83 21.36 30.41
N SER A 100 11.20 20.44 29.65
CA SER A 100 11.51 20.31 28.22
C SER A 100 11.31 21.64 27.49
N LYS A 101 12.28 22.02 26.66
CA LYS A 101 12.09 23.22 25.86
C LYS A 101 11.20 22.92 24.65
N PHE A 102 11.26 21.70 24.12
CA PHE A 102 10.50 21.27 22.96
C PHE A 102 9.66 20.05 23.31
N VAL A 103 8.52 19.94 22.65
CA VAL A 103 7.64 18.78 22.74
C VAL A 103 7.20 18.45 21.31
N ILE A 104 7.44 17.24 20.86
CA ILE A 104 7.08 16.83 19.51
C ILE A 104 6.04 15.75 19.66
N ALA A 105 4.86 16.00 19.12
CA ALA A 105 3.79 15.01 19.14
C ALA A 105 3.37 14.61 17.72
N SER A 106 2.74 13.44 17.62
CA SER A 106 2.14 13.03 16.37
C SER A 106 0.77 12.42 16.65
N THR A 107 -0.05 12.34 15.58
CA THR A 107 -1.41 11.79 15.63
C THR A 107 -1.82 11.38 14.20
N ASN A 108 -3.07 10.91 14.06
CA ASN A 108 -3.57 10.44 12.77
C ASN A 108 -3.72 11.63 11.80
N ALA A 109 -4.37 11.39 10.66
CA ALA A 109 -4.44 12.40 9.61
C ALA A 109 -5.61 13.37 9.76
N THR A 110 -6.80 12.88 10.19
CA THR A 110 -8.04 13.68 10.15
C THR A 110 -8.78 13.75 11.49
N ASN A 111 -8.45 12.91 12.46
CA ASN A 111 -9.09 12.98 13.77
C ASN A 111 -8.92 14.37 14.37
N ILE A 112 -9.92 14.80 15.13
CA ILE A 112 -9.93 16.09 15.80
C ILE A 112 -9.71 15.85 17.29
N ILE A 113 -8.55 16.25 17.77
CA ILE A 113 -8.16 16.04 19.16
C ILE A 113 -8.62 17.17 20.08
N VAL A 114 -8.87 18.35 19.56
CA VAL A 114 -9.30 19.43 20.43
C VAL A 114 -10.72 19.16 20.90
N PRO A 115 -10.99 19.11 22.23
CA PRO A 115 -12.35 18.73 22.61
C PRO A 115 -13.38 19.80 22.32
N SER A 118 -15.41 21.76 23.33
CA SER A 118 -14.95 22.47 24.55
C SER A 118 -14.04 23.67 24.22
N ASP A 119 -12.91 23.87 24.94
CA ASP A 119 -12.21 25.17 24.88
C ASP A 119 -11.19 25.22 23.73
N SER A 120 -11.69 25.08 22.49
CA SER A 120 -10.81 24.72 21.38
C SER A 120 -9.74 25.76 21.07
N ASP A 121 -10.11 27.05 21.02
CA ASP A 121 -9.20 28.06 20.45
C ASP A 121 -7.92 28.24 21.25
N ALA A 122 -7.97 27.99 22.55
CA ALA A 122 -6.77 28.15 23.35
C ALA A 122 -5.82 26.98 23.18
N ILE A 123 -6.36 25.79 22.94
CA ILE A 123 -5.53 24.61 22.78
C ILE A 123 -4.69 24.72 21.52
N ARG A 124 -5.32 24.96 20.37
CA ARG A 124 -4.56 25.03 19.14
C ARG A 124 -3.42 26.06 19.23
N ARG A 125 -3.51 27.06 20.11
CA ARG A 125 -2.41 28.03 20.19
C ARG A 125 -1.13 27.34 20.62
N ARG A 126 -1.22 26.34 21.50
CA ARG A 126 -0.03 25.73 22.07
C ARG A 126 0.89 25.13 21.00
N PHE A 127 0.31 24.46 20.00
CA PHE A 127 1.07 24.04 18.81
C PHE A 127 1.81 25.20 18.16
N TYR A 128 3.13 25.18 18.14
CA TYR A 128 3.82 26.21 17.34
C TYR A 128 3.66 25.95 15.85
N MET A 129 3.71 24.68 15.43
CA MET A 129 3.47 24.26 14.06
C MET A 129 2.68 22.98 14.10
N ASP A 130 1.76 22.84 13.17
CA ASP A 130 0.73 21.81 13.15
C ASP A 130 0.75 21.31 11.69
N CYS A 131 1.48 20.22 11.47
CA CYS A 131 1.96 19.82 10.16
C CYS A 131 1.34 18.51 9.70
N ASP A 132 1.06 18.36 8.39
CA ASP A 132 0.73 17.06 7.80
C ASP A 132 2.00 16.41 7.27
N ILE A 133 2.09 15.08 7.36
CA ILE A 133 3.26 14.37 6.86
C ILE A 133 2.92 13.73 5.53
N GLU A 134 3.75 13.99 4.52
CA GLU A 134 3.51 13.47 3.17
C GLU A 134 4.75 12.74 2.70
N VAL A 135 4.55 11.55 2.13
CA VAL A 135 5.58 10.87 1.38
C VAL A 135 5.53 11.36 -0.06
N THR A 136 6.69 11.61 -0.63
CA THR A 136 6.81 11.87 -2.05
C THR A 136 6.60 10.57 -2.81
N ASP A 137 6.29 10.69 -4.12
CA ASP A 137 5.78 9.58 -4.91
C ASP A 137 6.85 8.67 -5.51
N SER A 138 8.11 9.13 -5.58
CA SER A 138 9.20 8.19 -5.86
C SER A 138 9.35 7.22 -4.70
N TYR A 139 9.40 7.74 -3.49
CA TYR A 139 9.46 6.93 -2.27
C TYR A 139 8.10 6.41 -1.85
N LYS A 140 7.02 6.80 -2.51
CA LYS A 140 5.80 6.05 -2.35
C LYS A 140 6.01 4.60 -2.76
N THR A 141 5.24 3.72 -2.16
CA THR A 141 5.17 2.34 -2.61
C THR A 141 3.74 1.86 -2.57
N ASP A 142 3.50 0.78 -3.32
CA ASP A 142 2.21 0.08 -3.33
C ASP A 142 1.55 0.22 -1.96
N LEU A 143 0.24 0.41 -1.95
CA LEU A 143 -0.56 0.79 -0.80
C LEU A 143 -0.41 2.26 -0.51
N GLY A 144 0.32 3.01 -1.33
CA GLY A 144 0.57 4.41 -1.05
C GLY A 144 1.04 4.63 0.37
N ARG A 145 2.12 3.97 0.77
CA ARG A 145 2.75 4.21 2.06
C ARG A 145 4.25 4.35 1.82
N LEU A 146 4.99 4.67 2.88
CA LEU A 146 6.42 4.94 2.73
C LEU A 146 7.23 3.66 2.78
N ASP A 147 8.18 3.56 1.87
CA ASP A 147 9.15 2.47 1.81
C ASP A 147 10.35 2.84 2.66
N ALA A 148 10.30 2.47 3.95
CA ALA A 148 11.33 2.95 4.85
C ALA A 148 12.71 2.47 4.41
N GLY A 149 12.79 1.29 3.81
CA GLY A 149 14.10 0.75 3.51
C GLY A 149 14.89 1.66 2.60
N ARG A 150 14.29 2.01 1.46
CA ARG A 150 14.98 2.88 0.49
C ARG A 150 15.12 4.30 1.03
N ALA A 151 14.06 4.83 1.64
CA ALA A 151 14.12 6.17 2.21
C ALA A 151 15.24 6.31 3.23
N ALA A 152 15.86 5.21 3.66
CA ALA A 152 16.96 5.23 4.63
C ALA A 152 18.36 5.18 4.01
N LYS A 153 18.51 4.84 2.73
CA LYS A 153 19.85 4.84 2.12
C LYS A 153 20.49 6.21 2.25
N LEU A 154 21.71 6.27 2.75
CA LEU A 154 22.34 7.58 2.94
C LEU A 154 22.51 8.32 1.61
N CYS A 155 22.01 9.56 1.58
CA CYS A 155 22.31 10.49 0.53
C CYS A 155 23.83 10.64 0.39
N SER A 156 24.26 11.02 -0.79
CA SER A 156 25.68 11.23 -1.04
C SER A 156 26.09 12.64 -0.63
N GLU A 157 25.18 13.58 -0.76
CA GLU A 157 25.40 14.98 -0.42
C GLU A 157 24.85 15.23 0.97
N ASN A 158 25.39 16.26 1.61
CA ASN A 158 24.82 16.72 2.86
C ASN A 158 24.71 18.22 2.71
N ASN A 159 23.52 18.71 2.36
CA ASN A 159 23.25 20.15 2.38
C ASN A 159 22.52 20.60 3.64
N THR A 160 22.24 19.70 4.57
CA THR A 160 21.47 20.06 5.76
C THR A 160 22.10 21.22 6.53
N ALA A 161 21.38 21.75 7.53
CA ALA A 161 21.94 22.65 8.54
C ALA A 161 22.20 21.96 9.88
N ASN A 162 21.58 20.80 10.13
CA ASN A 162 21.53 20.26 11.48
C ASN A 162 22.02 18.84 11.64
N PHE A 163 22.39 18.16 10.55
CA PHE A 163 22.71 16.73 10.62
C PHE A 163 24.17 16.48 10.24
N LYS A 164 24.77 15.48 10.91
CA LYS A 164 26.09 14.97 10.52
C LYS A 164 26.05 14.25 9.17
N ARG A 165 24.94 13.60 8.84
CA ARG A 165 24.80 12.97 7.54
C ARG A 165 23.33 13.04 7.12
N CYS A 166 23.08 12.75 5.85
CA CYS A 166 21.80 13.02 5.25
C CYS A 166 21.29 11.79 4.53
N SER A 167 19.97 11.57 4.61
CA SER A 167 19.24 10.51 3.93
C SER A 167 17.95 11.12 3.40
N PRO A 168 17.18 10.42 2.57
CA PRO A 168 15.95 11.03 2.06
C PRO A 168 14.92 11.31 3.15
N LEU A 169 14.95 10.63 4.28
CA LEU A 169 14.07 11.07 5.38
C LEU A 169 14.45 12.45 5.92
N VAL A 170 15.72 12.86 5.77
CA VAL A 170 16.21 14.09 6.40
C VAL A 170 16.03 15.30 5.50
N CYS A 171 16.46 15.20 4.22
CA CYS A 171 16.52 16.38 3.34
C CYS A 171 15.21 16.65 2.60
N GLY A 172 14.22 15.78 2.68
CA GLY A 172 12.95 16.00 2.07
C GLY A 172 12.61 15.07 0.93
N LYS A 173 13.60 14.42 0.33
CA LYS A 173 13.33 13.59 -0.84
C LYS A 173 12.25 12.56 -0.57
N ALA A 174 12.20 12.00 0.64
CA ALA A 174 11.24 10.92 0.89
C ALA A 174 10.05 11.33 1.73
N ILE A 175 10.22 12.23 2.68
CA ILE A 175 9.10 12.66 3.53
C ILE A 175 9.21 14.14 3.81
N GLN A 176 8.06 14.82 3.67
CA GLN A 176 7.93 16.25 3.92
C GLN A 176 6.90 16.50 5.03
N LEU A 177 6.83 17.74 5.48
CA LEU A 177 5.81 18.20 6.42
C LEU A 177 5.28 19.51 5.89
N ARG A 178 3.97 19.69 5.89
CA ARG A 178 3.34 20.93 5.44
C ARG A 178 2.56 21.55 6.60
N ASP A 179 2.92 22.79 6.96
CA ASP A 179 2.26 23.52 8.03
C ASP A 179 0.84 23.87 7.61
N ARG A 180 -0.16 23.35 8.33
CA ARG A 180 -1.53 23.51 7.91
C ARG A 180 -1.90 24.98 7.78
N LYS A 181 -1.41 25.81 8.69
CA LYS A 181 -1.85 27.21 8.72
C LYS A 181 -1.07 28.06 7.72
N SER A 182 0.22 27.80 7.59
CA SER A 182 1.11 28.50 6.67
C SER A 182 1.17 27.91 5.27
N LYS A 183 0.75 26.65 5.09
CA LYS A 183 0.84 25.92 3.83
C LYS A 183 2.27 25.76 3.33
N VAL A 184 3.28 26.04 4.17
CA VAL A 184 4.69 25.95 3.80
C VAL A 184 5.22 24.53 3.98
N ARG A 185 5.98 24.05 3.01
CA ARG A 185 6.50 22.70 3.07
C ARG A 185 7.88 22.73 3.70
N TYR A 186 8.16 21.74 4.54
CA TYR A 186 9.41 21.58 5.26
C TYR A 186 9.85 20.15 5.15
N SER A 187 11.16 19.95 5.32
CA SER A 187 11.73 18.65 5.63
C SER A 187 12.05 18.57 7.12
N VAL A 188 12.52 17.39 7.54
CA VAL A 188 12.98 17.21 8.91
C VAL A 188 14.02 18.27 9.25
N ASP A 189 14.95 18.50 8.34
CA ASP A 189 16.06 19.41 8.59
C ASP A 189 15.61 20.85 8.77
N THR A 190 14.56 21.29 8.05
CA THR A 190 14.21 22.69 8.05
C THR A 190 13.19 23.01 9.11
N VAL A 191 12.43 22.00 9.54
CA VAL A 191 11.54 22.20 10.66
C VAL A 191 12.33 22.12 11.96
N VAL A 192 13.49 21.50 11.95
CA VAL A 192 14.37 21.59 13.10
C VAL A 192 14.86 23.01 13.26
N SER A 193 15.28 23.62 12.15
CA SER A 193 15.81 24.97 12.20
C SER A 193 14.73 25.97 12.61
N GLU A 194 13.50 25.75 12.13
CA GLU A 194 12.39 26.59 12.54
C GLU A 194 12.11 26.45 14.03
N LEU A 195 12.11 25.20 14.54
CA LEU A 195 11.85 24.95 15.95
C LEU A 195 12.98 25.55 16.79
N ILE A 196 14.20 25.44 16.31
CA ILE A 196 15.32 26.00 17.05
C ILE A 196 15.29 27.51 17.01
N ARG A 197 14.95 28.10 15.88
CA ARG A 197 14.89 29.55 15.79
C ARG A 197 13.78 30.09 16.70
N GLU A 198 12.65 29.38 16.79
CA GLU A 198 11.55 29.86 17.60
C GLU A 198 11.88 29.80 19.10
N TYR A 199 12.65 28.78 19.52
CA TYR A 199 13.03 28.68 20.93
C TYR A 199 14.11 29.71 21.27
N SER A 200 15.14 29.82 20.43
CA SER A 200 16.13 30.88 20.59
C SER A 200 15.47 32.25 20.63
N ASN A 201 14.34 32.37 19.96
CA ASN A 201 13.57 33.60 19.96
C ASN A 201 12.91 33.84 21.32
N ARG A 202 12.36 32.77 21.93
CA ARG A 202 11.59 32.90 23.16
C ARG A 202 12.50 33.08 24.37
N SER A 203 13.68 32.47 24.32
CA SER A 203 14.68 32.65 25.37
C SER A 203 15.28 34.05 25.33
N ALA A 204 15.61 34.57 24.13
CA ALA A 204 16.07 35.95 23.99
C ALA A 204 15.10 36.94 24.59
N ILE A 205 13.81 36.74 24.37
CA ILE A 205 12.79 37.62 24.94
C ILE A 205 12.81 37.53 26.44
N GLY A 206 12.50 36.35 26.98
CA GLY A 206 12.36 36.17 28.41
C GLY A 206 13.49 36.86 29.16
N ASN A 207 14.70 36.77 28.62
CA ASN A 207 15.87 37.26 29.32
C ASN A 207 16.10 38.75 29.08
N THR A 208 15.61 39.28 27.96
CA THR A 208 15.62 40.72 27.73
C THR A 208 14.54 41.44 28.53
N ILE A 209 13.51 40.71 28.96
CA ILE A 209 12.46 41.27 29.82
C ILE A 209 12.73 41.05 31.31
N GLU A 210 13.59 40.11 31.67
CA GLU A 210 13.92 39.92 33.08
C GLU A 210 15.31 40.47 33.45
N ARG B 4 -17.47 -31.86 4.82
CA ARG B 4 -17.91 -31.17 3.60
C ARG B 4 -16.88 -31.45 2.49
N ILE B 5 -17.21 -31.07 1.25
CA ILE B 5 -16.28 -31.20 0.13
C ILE B 5 -15.30 -30.04 0.16
N GLU B 6 -14.02 -30.34 0.21
CA GLU B 6 -13.02 -29.29 0.24
C GLU B 6 -13.30 -28.30 -0.89
N PRO B 7 -13.56 -27.04 -0.60
CA PRO B 7 -13.76 -26.07 -1.69
C PRO B 7 -12.52 -26.04 -2.56
N VAL B 8 -12.71 -25.74 -3.86
CA VAL B 8 -11.60 -25.71 -4.80
C VAL B 8 -11.10 -24.28 -4.85
N CYS B 9 -9.80 -24.10 -4.63
CA CYS B 9 -9.24 -22.79 -4.42
C CYS B 9 -8.34 -22.41 -5.59
N LEU B 10 -8.40 -21.14 -5.96
CA LEU B 10 -7.45 -20.57 -6.91
C LEU B 10 -6.82 -19.39 -6.21
N ILE B 11 -5.52 -19.41 -6.08
CA ILE B 11 -4.82 -18.20 -5.73
C ILE B 11 -4.15 -17.68 -7.00
N ILE B 12 -4.26 -16.37 -7.21
CA ILE B 12 -3.69 -15.67 -8.35
C ILE B 12 -2.62 -14.73 -7.80
N ARG B 13 -1.36 -15.01 -8.10
CA ARG B 13 -0.26 -14.17 -7.65
C ARG B 13 0.08 -13.15 -8.72
N GLY B 14 0.08 -11.87 -8.35
CA GLY B 14 0.50 -10.81 -9.26
C GLY B 14 0.84 -9.54 -8.52
N SER B 15 1.81 -8.80 -9.07
CA SER B 15 2.20 -7.49 -8.55
C SER B 15 1.09 -6.49 -8.79
N PRO B 16 1.05 -5.39 -8.04
CA PRO B 16 -0.05 -4.44 -8.21
C PRO B 16 -0.04 -3.83 -9.61
N GLY B 17 -1.23 -3.73 -10.21
CA GLY B 17 -1.35 -3.17 -11.53
C GLY B 17 -1.53 -4.19 -12.65
N THR B 18 -1.06 -5.43 -12.46
CA THR B 18 -1.31 -6.46 -13.47
C THR B 18 -2.76 -6.88 -13.54
N GLY B 19 -3.62 -6.33 -12.70
CA GLY B 19 -5.04 -6.60 -12.81
C GLY B 19 -5.47 -7.90 -12.18
N LYS B 20 -5.05 -8.18 -10.93
CA LYS B 20 -5.31 -9.46 -10.30
C LYS B 20 -6.61 -9.52 -9.52
N SER B 21 -7.34 -8.42 -9.35
CA SER B 21 -8.64 -8.43 -8.73
C SER B 21 -9.75 -8.12 -9.72
N LEU B 22 -9.40 -7.68 -10.91
CA LEU B 22 -10.30 -7.90 -12.03
C LEU B 22 -10.47 -9.41 -12.28
N ALA B 23 -9.37 -10.16 -12.26
CA ALA B 23 -9.45 -11.59 -12.50
C ALA B 23 -10.32 -12.29 -11.45
N THR B 24 -9.93 -12.24 -10.17
CA THR B 24 -10.74 -12.95 -9.18
C THR B 24 -12.17 -12.43 -9.19
N GLY B 25 -12.37 -11.14 -9.48
CA GLY B 25 -13.72 -10.62 -9.53
C GLY B 25 -14.56 -11.28 -10.60
N ILE B 26 -14.05 -11.30 -11.85
CA ILE B 26 -14.78 -11.89 -12.95
C ILE B 26 -14.89 -13.41 -12.74
N ILE B 27 -13.86 -14.03 -12.17
CA ILE B 27 -13.94 -15.48 -12.01
C ILE B 27 -14.98 -15.87 -10.97
N ALA B 28 -15.00 -15.20 -9.82
CA ALA B 28 -16.03 -15.49 -8.82
C ALA B 28 -17.42 -15.24 -9.36
N ARG B 29 -17.61 -14.12 -10.02
CA ARG B 29 -18.92 -13.76 -10.53
C ARG B 29 -19.40 -14.75 -11.60
N ALA B 30 -18.48 -15.29 -12.39
CA ALA B 30 -18.87 -16.23 -13.42
C ALA B 30 -19.19 -17.60 -12.86
N ILE B 31 -18.45 -18.05 -11.87
CA ILE B 31 -18.79 -19.28 -11.19
C ILE B 31 -20.07 -19.16 -10.34
N ALA B 32 -20.36 -17.98 -9.78
CA ALA B 32 -21.57 -17.86 -9.01
C ALA B 32 -22.80 -17.94 -9.91
N ASP B 33 -22.74 -17.33 -11.08
CA ASP B 33 -23.86 -17.41 -12.02
C ASP B 33 -24.12 -18.85 -12.45
N LYS B 34 -23.09 -19.55 -12.94
CA LYS B 34 -23.23 -20.97 -13.25
C LYS B 34 -23.95 -21.73 -12.14
N TYR B 35 -23.70 -21.36 -10.88
CA TYR B 35 -24.32 -22.04 -9.75
C TYR B 35 -25.45 -21.22 -9.15
N HIS B 36 -25.91 -20.19 -9.86
CA HIS B 36 -27.12 -19.46 -9.44
C HIS B 36 -26.96 -18.92 -8.05
N SER B 37 -25.82 -18.34 -7.73
CA SER B 37 -25.62 -17.75 -6.42
C SER B 37 -25.03 -16.36 -6.60
N SER B 38 -24.26 -15.93 -5.61
CA SER B 38 -23.61 -14.63 -5.60
C SER B 38 -22.21 -14.82 -5.04
N VAL B 39 -21.56 -13.70 -4.72
CA VAL B 39 -20.19 -13.71 -4.23
C VAL B 39 -20.06 -12.89 -2.95
N TYR B 40 -19.44 -13.49 -1.95
CA TYR B 40 -19.12 -12.82 -0.72
C TYR B 40 -17.66 -12.46 -0.77
N SER B 41 -17.35 -11.18 -0.64
CA SER B 41 -15.97 -10.68 -0.60
C SER B 41 -15.51 -10.49 0.84
N LEU B 42 -14.49 -11.24 1.21
CA LEU B 42 -13.96 -11.25 2.57
C LEU B 42 -12.93 -10.15 2.71
N PRO B 43 -13.15 -9.14 3.55
CA PRO B 43 -12.30 -7.94 3.51
C PRO B 43 -10.87 -8.26 3.88
N PRO B 44 -9.92 -7.44 3.45
CA PRO B 44 -8.53 -7.65 3.87
C PRO B 44 -8.41 -7.65 5.38
N ASP B 45 -7.51 -8.50 5.89
CA ASP B 45 -7.29 -8.63 7.32
C ASP B 45 -8.64 -8.87 7.97
N PRO B 46 -9.27 -10.01 7.71
CA PRO B 46 -10.65 -10.20 8.17
C PRO B 46 -10.69 -10.58 9.64
N ASP B 47 -11.66 -9.99 10.33
CA ASP B 47 -11.96 -10.31 11.72
C ASP B 47 -13.30 -11.00 11.87
N HIS B 48 -14.25 -10.71 10.99
CA HIS B 48 -15.56 -11.32 11.00
C HIS B 48 -16.00 -11.47 9.55
N PHE B 49 -17.03 -12.32 9.36
CA PHE B 49 -17.57 -12.71 8.07
C PHE B 49 -18.99 -12.15 7.87
N ASP B 50 -19.20 -10.85 7.99
CA ASP B 50 -20.54 -10.37 8.38
C ASP B 50 -21.61 -10.50 7.29
N GLY B 51 -21.28 -10.41 6.00
CA GLY B 51 -22.32 -10.65 5.02
C GLY B 51 -22.44 -12.07 4.45
N TYR B 52 -21.97 -13.11 5.16
CA TYR B 52 -21.85 -14.44 4.58
C TYR B 52 -23.12 -15.28 4.79
N LYS B 53 -23.97 -15.33 3.78
CA LYS B 53 -25.18 -16.14 3.79
C LYS B 53 -25.07 -17.39 2.92
N GLN B 54 -23.87 -17.96 2.81
CA GLN B 54 -23.64 -19.24 2.12
C GLN B 54 -23.65 -19.11 0.58
N GLN B 55 -23.05 -18.02 0.11
CA GLN B 55 -22.72 -17.84 -1.29
C GLN B 55 -21.79 -18.96 -1.74
N VAL B 56 -21.84 -19.23 -3.04
CA VAL B 56 -21.12 -20.39 -3.56
C VAL B 56 -19.65 -20.10 -3.66
N VAL B 57 -19.29 -18.83 -3.79
CA VAL B 57 -17.93 -18.41 -4.03
C VAL B 57 -17.62 -17.31 -3.05
N THR B 58 -16.52 -17.45 -2.34
CA THR B 58 -16.03 -16.36 -1.55
C THR B 58 -14.68 -15.97 -2.11
N VAL B 59 -14.44 -14.66 -2.14
CA VAL B 59 -13.25 -14.04 -2.67
C VAL B 59 -12.38 -13.50 -1.54
N MET B 60 -11.09 -13.73 -1.64
CA MET B 60 -10.15 -13.22 -0.64
C MET B 60 -9.07 -12.47 -1.38
N ASP B 61 -9.31 -11.20 -1.65
CA ASP B 61 -8.29 -10.40 -2.30
C ASP B 61 -7.20 -9.96 -1.29
N ASP B 62 -5.97 -9.85 -1.77
CA ASP B 62 -4.88 -9.24 -1.03
C ASP B 62 -4.54 -9.98 0.26
N LEU B 63 -4.95 -11.25 0.34
CA LEU B 63 -4.48 -12.18 1.37
C LEU B 63 -2.96 -12.07 1.49
N CYS B 64 -2.45 -12.08 2.74
CA CYS B 64 -1.00 -11.83 2.96
C CYS B 64 -0.30 -12.91 3.77
N LYS B 70 -3.22 -13.89 10.59
CA LYS B 70 -4.67 -13.77 10.76
C LYS B 70 -5.36 -13.98 9.42
N ASP B 71 -4.57 -13.99 8.33
CA ASP B 71 -5.11 -14.26 7.00
C ASP B 71 -5.00 -15.74 6.66
N MET B 72 -3.83 -16.35 6.93
CA MET B 72 -3.64 -17.76 6.61
C MET B 72 -4.15 -18.70 7.72
N SER B 73 -4.31 -18.23 8.95
CA SER B 73 -4.98 -19.05 9.94
C SER B 73 -6.42 -19.30 9.53
N LEU B 74 -7.12 -18.22 9.22
CA LEU B 74 -8.39 -18.27 8.51
C LEU B 74 -8.34 -19.12 7.24
N PHE B 75 -7.65 -18.66 6.20
CA PHE B 75 -7.55 -19.40 4.95
C PHE B 75 -7.45 -20.91 5.16
N CYS B 76 -6.68 -21.31 6.17
CA CYS B 76 -6.57 -22.74 6.45
C CYS B 76 -7.91 -23.33 6.85
N GLN B 77 -8.79 -22.53 7.44
CA GLN B 77 -10.03 -23.06 8.00
C GLN B 77 -11.09 -23.23 6.94
N MET B 78 -11.17 -22.26 6.02
CA MET B 78 -12.18 -22.24 4.99
C MET B 78 -11.95 -23.38 3.99
N VAL B 79 -10.69 -23.56 3.60
CA VAL B 79 -10.35 -24.51 2.53
C VAL B 79 -10.01 -25.83 3.22
N SER B 80 -11.05 -26.52 3.65
CA SER B 80 -10.84 -27.83 4.24
C SER B 80 -12.16 -28.56 4.29
N THR B 81 -12.10 -29.75 4.85
CA THR B 81 -13.27 -30.59 5.07
C THR B 81 -13.77 -30.48 6.51
N VAL B 82 -13.05 -29.75 7.39
CA VAL B 82 -13.50 -29.60 8.78
C VAL B 82 -14.53 -28.49 8.88
N ASP B 83 -15.38 -28.58 9.91
CA ASP B 83 -16.49 -27.67 10.08
C ASP B 83 -16.01 -26.30 10.57
N PHE B 84 -16.32 -25.26 9.81
CA PHE B 84 -15.91 -23.89 10.10
C PHE B 84 -17.15 -23.07 10.42
N ILE B 85 -17.16 -22.42 11.59
CA ILE B 85 -18.25 -21.54 11.97
C ILE B 85 -17.62 -20.16 12.14
N PRO B 86 -17.59 -19.35 11.09
CA PRO B 86 -16.83 -18.12 11.16
C PRO B 86 -17.44 -17.18 12.18
N PRO B 87 -16.68 -16.25 12.73
CA PRO B 87 -17.27 -15.27 13.66
C PRO B 87 -18.04 -14.21 12.89
N MET B 88 -19.26 -13.93 13.35
CA MET B 88 -20.01 -12.80 12.82
C MET B 88 -19.96 -11.61 13.76
N ALA B 89 -20.18 -10.43 13.19
CA ALA B 89 -20.26 -9.22 14.02
C ALA B 89 -21.64 -9.04 14.62
N SER B 90 -22.70 -9.49 13.94
CA SER B 90 -24.03 -9.43 14.51
C SER B 90 -24.50 -10.82 14.84
N LEU B 91 -24.93 -11.00 16.08
CA LEU B 91 -25.50 -12.26 16.50
C LEU B 91 -26.63 -12.70 15.57
N ALA B 92 -27.34 -11.76 14.96
CA ALA B 92 -28.51 -12.12 14.14
C ALA B 92 -28.16 -13.02 12.98
N GLU B 93 -26.89 -13.17 12.65
CA GLU B 93 -26.50 -14.04 11.56
C GLU B 93 -25.33 -14.95 11.94
N ALA B 94 -25.25 -15.36 13.21
CA ALA B 94 -24.12 -16.17 13.66
C ALA B 94 -24.48 -17.64 13.64
N GLY B 95 -23.44 -18.48 13.71
CA GLY B 95 -23.62 -19.90 13.84
C GLY B 95 -23.67 -20.65 12.53
N VAL B 96 -23.79 -19.93 11.41
CA VAL B 96 -23.88 -20.59 10.13
C VAL B 96 -22.50 -21.14 9.74
N SER B 97 -22.51 -22.20 8.93
CA SER B 97 -21.30 -22.91 8.53
C SER B 97 -20.83 -22.40 7.17
N PHE B 98 -19.51 -22.42 7.00
CA PHE B 98 -18.85 -21.93 5.77
C PHE B 98 -18.86 -23.02 4.71
N THR B 99 -19.69 -22.87 3.67
CA THR B 99 -19.93 -23.95 2.71
C THR B 99 -19.73 -23.56 1.26
N SER B 100 -19.05 -22.46 0.99
CA SER B 100 -18.77 -22.06 -0.37
C SER B 100 -18.03 -23.17 -1.08
N LYS B 101 -18.37 -23.36 -2.35
CA LYS B 101 -17.72 -24.41 -3.12
C LYS B 101 -16.41 -23.95 -3.70
N PHE B 102 -16.23 -22.66 -3.87
CA PHE B 102 -15.00 -22.13 -4.42
C PHE B 102 -14.47 -21.04 -3.52
N VAL B 103 -13.14 -20.99 -3.41
CA VAL B 103 -12.44 -19.87 -2.79
C VAL B 103 -11.45 -19.37 -3.82
N ILE B 104 -11.62 -18.15 -4.28
CA ILE B 104 -10.69 -17.52 -5.22
C ILE B 104 -9.96 -16.43 -4.45
N ALA B 105 -8.63 -16.52 -4.35
CA ALA B 105 -7.82 -15.52 -3.64
C ALA B 105 -6.72 -14.98 -4.56
N SER B 106 -6.28 -13.73 -4.28
CA SER B 106 -5.11 -13.13 -4.92
C SER B 106 -4.14 -12.61 -3.87
N THR B 107 -2.86 -12.52 -4.21
CA THR B 107 -1.88 -12.04 -3.23
C THR B 107 -0.74 -11.29 -3.91
N ASN B 108 0.37 -11.14 -3.17
CA ASN B 108 1.44 -10.22 -3.49
C ASN B 108 2.33 -10.78 -4.61
N ALA B 109 3.41 -10.03 -4.89
CA ALA B 109 4.36 -10.33 -5.96
C ALA B 109 4.64 -11.82 -6.09
N THR B 110 5.35 -12.37 -5.11
CA THR B 110 5.92 -13.72 -5.21
C THR B 110 5.24 -14.74 -4.30
N ASP B 119 4.03 -25.79 7.17
CA ASP B 119 3.57 -24.41 7.34
C ASP B 119 3.40 -23.78 5.96
N SER B 120 4.50 -23.32 5.37
CA SER B 120 4.47 -22.92 3.97
C SER B 120 3.81 -24.00 3.12
N ASP B 121 4.15 -25.27 3.39
CA ASP B 121 3.44 -26.38 2.75
C ASP B 121 1.99 -26.47 3.22
N ALA B 122 1.71 -26.03 4.46
CA ALA B 122 0.36 -26.11 4.98
C ALA B 122 -0.61 -25.40 4.06
N ILE B 123 -0.15 -24.32 3.45
CA ILE B 123 -0.97 -23.57 2.52
C ILE B 123 -0.93 -24.20 1.13
N ARG B 124 0.26 -24.28 0.54
CA ARG B 124 0.47 -24.81 -0.82
C ARG B 124 -0.48 -25.94 -1.20
N ARG B 125 -0.88 -26.78 -0.23
CA ARG B 125 -1.84 -27.84 -0.48
C ARG B 125 -3.21 -27.25 -0.80
N ARG B 126 -3.59 -26.19 -0.08
CA ARG B 126 -4.95 -25.66 -0.19
C ARG B 126 -5.26 -25.26 -1.63
N PHE B 127 -4.23 -24.87 -2.39
CA PHE B 127 -4.42 -24.33 -3.72
C PHE B 127 -4.60 -25.49 -4.69
N TYR B 128 -5.85 -25.73 -5.11
CA TYR B 128 -6.01 -26.61 -6.25
C TYR B 128 -5.17 -26.09 -7.42
N MET B 129 -5.14 -24.77 -7.60
CA MET B 129 -4.40 -24.14 -8.67
C MET B 129 -3.66 -22.94 -8.11
N ASP B 130 -2.37 -22.86 -8.40
CA ASP B 130 -1.54 -21.76 -7.94
C ASP B 130 -0.97 -21.06 -9.17
N CYS B 131 -1.53 -19.90 -9.51
CA CYS B 131 -1.28 -19.24 -10.79
C CYS B 131 -0.57 -17.91 -10.64
N ASP B 132 0.20 -17.56 -11.69
CA ASP B 132 0.73 -16.23 -11.89
C ASP B 132 -0.08 -15.52 -12.97
N ILE B 133 -0.43 -14.26 -12.73
CA ILE B 133 -1.12 -13.45 -13.72
C ILE B 133 -0.10 -12.81 -14.65
N GLU B 134 -0.34 -12.86 -15.95
CA GLU B 134 0.53 -12.20 -16.91
C GLU B 134 -0.26 -11.16 -17.68
N VAL B 135 0.40 -10.04 -18.00
CA VAL B 135 -0.15 -9.01 -18.87
C VAL B 135 0.55 -9.10 -20.24
N THR B 136 -0.22 -9.37 -21.30
CA THR B 136 0.33 -9.33 -22.65
C THR B 136 0.97 -7.97 -22.92
N ASP B 137 2.11 -7.99 -23.61
CA ASP B 137 2.82 -6.74 -23.85
C ASP B 137 1.93 -5.73 -24.59
N SER B 138 1.01 -6.19 -25.45
CA SER B 138 0.21 -5.26 -26.26
C SER B 138 -0.70 -4.41 -25.39
N TYR B 139 -1.15 -4.95 -24.26
CA TYR B 139 -2.03 -4.26 -23.32
C TYR B 139 -1.26 -3.70 -22.13
N LYS B 140 0.05 -3.55 -22.27
CA LYS B 140 0.91 -3.05 -21.21
C LYS B 140 1.15 -1.57 -21.43
N THR B 141 0.64 -0.74 -20.51
CA THR B 141 0.86 0.70 -20.59
C THR B 141 2.34 1.04 -20.53
N ASP B 142 2.61 2.32 -20.76
CA ASP B 142 3.95 2.87 -20.57
C ASP B 142 4.62 2.29 -19.33
N LEU B 143 3.97 2.42 -18.16
CA LEU B 143 4.57 2.05 -16.89
C LEU B 143 4.46 0.56 -16.55
N GLY B 144 4.53 -0.34 -17.55
CA GLY B 144 4.62 -1.76 -17.27
C GLY B 144 3.47 -2.35 -16.46
N ARG B 145 2.23 -1.97 -16.78
CA ARG B 145 1.07 -2.42 -16.03
C ARG B 145 -0.08 -2.64 -16.98
N LEU B 146 -1.15 -3.28 -16.49
CA LEU B 146 -2.30 -3.51 -17.34
C LEU B 146 -2.84 -2.18 -17.85
N ASP B 147 -3.28 -2.17 -19.11
CA ASP B 147 -3.94 -1.00 -19.71
C ASP B 147 -5.43 -1.10 -19.40
N ALA B 148 -5.73 -0.80 -18.13
CA ALA B 148 -7.05 -1.09 -17.57
C ALA B 148 -8.16 -0.66 -18.50
N GLY B 149 -8.10 0.60 -18.97
CA GLY B 149 -9.19 1.13 -19.76
C GLY B 149 -9.37 0.41 -21.09
N ARG B 150 -8.28 0.08 -21.75
CA ARG B 150 -8.44 -0.59 -23.05
C ARG B 150 -8.99 -2.00 -22.88
N ALA B 151 -8.57 -2.71 -21.83
CA ALA B 151 -8.89 -4.13 -21.72
C ALA B 151 -10.35 -4.38 -21.42
N ALA B 152 -11.10 -3.36 -20.97
CA ALA B 152 -12.52 -3.55 -20.70
C ALA B 152 -13.34 -3.56 -21.97
N LYS B 153 -12.81 -3.04 -23.08
CA LYS B 153 -13.55 -2.95 -24.34
C LYS B 153 -14.03 -4.32 -24.80
N LEU B 154 -15.33 -4.44 -24.94
CA LEU B 154 -15.90 -5.71 -25.36
C LEU B 154 -15.30 -6.08 -26.71
N CYS B 155 -15.31 -7.39 -26.99
CA CYS B 155 -14.84 -7.94 -28.27
C CYS B 155 -16.01 -8.06 -29.23
N SER B 156 -15.72 -8.03 -30.53
CA SER B 156 -16.79 -8.26 -31.49
C SER B 156 -17.33 -9.68 -31.39
N GLU B 157 -16.51 -10.61 -30.92
CA GLU B 157 -16.81 -12.04 -30.97
C GLU B 157 -16.80 -12.61 -29.56
N ASN B 158 -17.56 -13.68 -29.37
CA ASN B 158 -17.70 -14.37 -28.09
C ASN B 158 -17.57 -15.85 -28.39
N ASN B 159 -16.35 -16.37 -28.35
CA ASN B 159 -16.09 -17.80 -28.46
C ASN B 159 -15.99 -18.50 -27.10
N THR B 160 -16.63 -17.94 -26.03
CA THR B 160 -16.45 -18.41 -24.65
C THR B 160 -17.50 -19.45 -24.23
N ALA B 161 -17.10 -20.28 -23.26
CA ALA B 161 -18.00 -21.29 -22.73
C ALA B 161 -18.90 -20.75 -21.61
N ASN B 162 -18.50 -19.68 -20.94
CA ASN B 162 -19.08 -19.30 -19.65
C ASN B 162 -19.66 -17.91 -19.61
N PHE B 163 -19.39 -17.04 -20.57
CA PHE B 163 -19.80 -15.66 -20.49
C PHE B 163 -20.82 -15.30 -21.58
N LYS B 164 -21.64 -14.30 -21.28
CA LYS B 164 -22.67 -13.81 -22.21
C LYS B 164 -22.10 -12.81 -23.19
N ARG B 165 -21.00 -12.17 -22.83
CA ARG B 165 -20.29 -11.28 -23.73
C ARG B 165 -18.82 -11.26 -23.30
N CYS B 166 -17.93 -11.25 -24.29
CA CYS B 166 -16.50 -11.42 -24.09
C CYS B 166 -15.82 -10.08 -24.09
N SER B 167 -14.57 -10.12 -23.64
CA SER B 167 -13.76 -8.93 -23.40
C SER B 167 -12.31 -9.38 -23.30
N PRO B 168 -11.35 -8.49 -23.57
CA PRO B 168 -9.95 -8.88 -23.43
C PRO B 168 -9.57 -9.41 -22.05
N LEU B 169 -10.42 -9.21 -21.03
CA LEU B 169 -10.11 -9.73 -19.73
C LEU B 169 -10.50 -11.19 -19.63
N VAL B 170 -11.54 -11.56 -20.36
CA VAL B 170 -12.11 -12.90 -20.29
C VAL B 170 -11.38 -13.92 -21.15
N CYS B 171 -10.96 -13.56 -22.37
CA CYS B 171 -10.61 -14.60 -23.36
C CYS B 171 -9.13 -14.88 -23.44
N GLY B 172 -8.28 -13.90 -23.12
CA GLY B 172 -6.86 -14.15 -23.13
C GLY B 172 -6.07 -12.99 -23.73
N LYS B 173 -6.77 -11.97 -24.21
CA LYS B 173 -6.08 -10.90 -24.92
C LYS B 173 -5.30 -9.98 -23.98
N ALA B 174 -5.92 -9.55 -22.88
CA ALA B 174 -5.19 -8.69 -21.96
C ALA B 174 -4.41 -9.47 -20.92
N ILE B 175 -5.08 -10.34 -20.14
CA ILE B 175 -4.48 -11.06 -19.03
C ILE B 175 -4.69 -12.57 -19.19
N GLN B 176 -3.74 -13.32 -18.63
CA GLN B 176 -3.78 -14.78 -18.58
C GLN B 176 -3.05 -15.24 -17.32
N LEU B 177 -3.54 -16.35 -16.77
CA LEU B 177 -2.96 -17.02 -15.63
C LEU B 177 -2.08 -18.18 -16.13
N ARG B 178 -1.16 -18.63 -15.28
CA ARG B 178 -0.37 -19.83 -15.60
C ARG B 178 -0.10 -20.63 -14.34
N ASP B 179 -0.64 -21.84 -14.30
CA ASP B 179 -0.48 -22.71 -13.15
C ASP B 179 1.00 -22.88 -12.84
N ARG B 180 1.39 -22.79 -11.56
CA ARG B 180 2.81 -22.91 -11.25
C ARG B 180 3.29 -24.35 -11.29
N LYS B 181 2.49 -25.28 -10.76
CA LYS B 181 2.79 -26.70 -10.89
C LYS B 181 2.71 -27.17 -12.35
N SER B 182 1.56 -27.01 -13.00
CA SER B 182 1.38 -27.68 -14.28
C SER B 182 2.00 -26.90 -15.44
N LYS B 183 2.03 -25.58 -15.35
CA LYS B 183 2.55 -24.64 -16.37
C LYS B 183 1.55 -24.38 -17.49
N VAL B 184 0.34 -24.91 -17.37
CA VAL B 184 -0.68 -24.64 -18.36
C VAL B 184 -1.02 -23.15 -18.35
N ARG B 185 -1.18 -22.58 -19.55
CA ARG B 185 -1.73 -21.24 -19.72
C ARG B 185 -3.26 -21.29 -19.64
N TYR B 186 -3.85 -20.23 -19.09
CA TYR B 186 -5.28 -20.17 -18.94
C TYR B 186 -5.70 -18.73 -19.15
N SER B 187 -6.92 -18.59 -19.62
CA SER B 187 -7.66 -17.35 -19.63
C SER B 187 -8.71 -17.40 -18.53
N VAL B 188 -9.34 -16.25 -18.29
CA VAL B 188 -10.37 -16.18 -17.26
C VAL B 188 -11.45 -17.19 -17.60
N ASP B 189 -11.89 -17.23 -18.87
CA ASP B 189 -12.93 -18.18 -19.34
C ASP B 189 -12.49 -19.61 -19.19
N THR B 190 -11.29 -19.95 -19.70
CA THR B 190 -10.85 -21.35 -19.55
C THR B 190 -10.66 -21.74 -18.08
N VAL B 191 -10.10 -20.85 -17.24
CA VAL B 191 -9.84 -21.23 -15.84
C VAL B 191 -11.14 -21.52 -15.12
N VAL B 192 -12.17 -20.73 -15.43
CA VAL B 192 -13.51 -21.02 -14.94
C VAL B 192 -13.93 -22.44 -15.30
N SER B 193 -13.65 -22.87 -16.54
CA SER B 193 -14.01 -24.22 -16.91
C SER B 193 -13.23 -25.21 -16.09
N GLU B 194 -12.00 -24.85 -15.74
CA GLU B 194 -11.15 -25.81 -15.05
C GLU B 194 -11.53 -25.95 -13.58
N LEU B 195 -11.92 -24.85 -12.93
CA LEU B 195 -12.32 -24.95 -11.54
C LEU B 195 -13.64 -25.69 -11.43
N ILE B 196 -14.63 -25.31 -12.26
CA ILE B 196 -15.94 -25.98 -12.25
C ILE B 196 -15.77 -27.47 -12.50
N ARG B 197 -15.03 -27.81 -13.52
CA ARG B 197 -14.83 -29.23 -13.81
C ARG B 197 -14.39 -29.95 -12.55
N GLU B 198 -13.34 -29.45 -11.91
CA GLU B 198 -12.81 -30.13 -10.72
C GLU B 198 -13.89 -30.30 -9.66
N TYR B 199 -14.70 -29.27 -9.43
CA TYR B 199 -15.71 -29.44 -8.40
C TYR B 199 -16.70 -30.50 -8.83
N SER B 200 -17.05 -30.52 -10.11
CA SER B 200 -17.97 -31.55 -10.62
C SER B 200 -17.44 -32.95 -10.28
N ASN B 201 -16.17 -33.17 -10.52
CA ASN B 201 -15.56 -34.46 -10.23
C ASN B 201 -15.45 -34.75 -8.71
N ARG B 202 -15.26 -33.73 -7.86
CA ARG B 202 -15.28 -33.96 -6.41
C ARG B 202 -16.69 -34.25 -5.93
N SER B 203 -17.62 -33.40 -6.33
CA SER B 203 -19.03 -33.67 -6.07
C SER B 203 -19.45 -35.07 -6.57
N ALA B 204 -18.94 -35.50 -7.73
CA ALA B 204 -19.39 -36.77 -8.30
C ALA B 204 -18.92 -37.93 -7.44
N ILE B 205 -17.63 -37.92 -7.06
CA ILE B 205 -17.11 -38.94 -6.15
C ILE B 205 -17.95 -38.98 -4.89
N GLY B 206 -18.01 -37.83 -4.20
CA GLY B 206 -18.65 -37.78 -2.90
C GLY B 206 -20.11 -38.15 -2.94
N ASN B 207 -20.77 -37.85 -4.06
CA ASN B 207 -22.17 -38.22 -4.18
C ASN B 207 -22.33 -39.73 -4.17
N THR B 208 -21.56 -40.44 -5.03
CA THR B 208 -21.83 -41.85 -5.18
C THR B 208 -21.57 -42.57 -3.88
N ILE B 209 -20.65 -42.03 -3.07
CA ILE B 209 -20.38 -42.60 -1.75
C ILE B 209 -21.55 -42.37 -0.81
N GLU B 210 -22.12 -41.15 -0.79
CA GLU B 210 -23.27 -40.88 0.07
C GLU B 210 -24.55 -41.42 -0.52
N ALA B 211 -24.51 -41.94 -1.75
CA ALA B 211 -25.67 -42.62 -2.28
C ALA B 211 -25.74 -44.05 -1.79
N LEU B 212 -24.59 -44.63 -1.44
CA LEU B 212 -24.57 -46.00 -0.94
C LEU B 212 -24.95 -46.10 0.55
N PHE B 213 -25.06 -44.98 1.26
CA PHE B 213 -25.21 -45.00 2.71
C PHE B 213 -26.36 -44.16 3.24
N GLN B 214 -26.91 -43.20 2.51
CA GLN B 214 -28.11 -42.51 3.01
C GLN B 214 -29.26 -43.50 3.20
N LYS C 2 34.09 -15.09 11.10
CA LYS C 2 34.26 -13.73 10.57
C LYS C 2 34.45 -13.78 9.06
N HIS C 3 34.59 -15.00 8.52
CA HIS C 3 34.88 -15.20 7.11
C HIS C 3 33.72 -15.94 6.43
N ARG C 4 33.72 -15.87 5.10
CA ARG C 4 32.51 -16.03 4.30
C ARG C 4 32.62 -17.32 3.53
N ILE C 5 31.49 -18.00 3.32
CA ILE C 5 31.45 -19.10 2.34
C ILE C 5 31.91 -18.56 1.00
N GLU C 6 32.90 -19.20 0.38
CA GLU C 6 33.37 -18.72 -0.91
C GLU C 6 32.21 -18.73 -1.89
N PRO C 7 31.94 -17.62 -2.57
CA PRO C 7 30.86 -17.63 -3.57
C PRO C 7 31.19 -18.62 -4.67
N VAL C 8 30.13 -19.12 -5.37
CA VAL C 8 30.33 -20.00 -6.51
C VAL C 8 30.42 -19.13 -7.74
N CYS C 9 31.37 -19.42 -8.62
CA CYS C 9 31.60 -18.58 -9.80
C CYS C 9 31.44 -19.35 -11.11
N LEU C 10 31.06 -18.60 -12.16
CA LEU C 10 30.84 -19.13 -13.50
C LEU C 10 31.40 -18.15 -14.51
N ILE C 11 32.29 -18.61 -15.38
CA ILE C 11 32.89 -17.78 -16.41
C ILE C 11 32.43 -18.29 -17.77
N ILE C 12 32.13 -17.37 -18.67
CA ILE C 12 31.52 -17.68 -19.96
C ILE C 12 32.46 -17.14 -21.03
N ARG C 13 33.37 -18.00 -21.50
CA ARG C 13 34.37 -17.63 -22.49
C ARG C 13 33.75 -17.68 -23.87
N GLY C 14 33.62 -16.53 -24.52
CA GLY C 14 33.08 -16.49 -25.87
C GLY C 14 33.59 -15.30 -26.64
N SER C 15 33.56 -15.43 -27.96
CA SER C 15 33.74 -14.26 -28.81
C SER C 15 32.53 -13.34 -28.63
N PRO C 16 32.69 -12.02 -28.74
CA PRO C 16 31.52 -11.16 -28.59
C PRO C 16 30.53 -11.45 -29.70
N GLY C 17 29.25 -11.19 -29.41
CA GLY C 17 28.19 -11.49 -30.37
C GLY C 17 27.72 -12.92 -30.37
N THR C 18 28.08 -13.71 -29.35
CA THR C 18 27.51 -15.03 -29.12
C THR C 18 26.45 -15.00 -28.02
N GLY C 19 25.75 -13.88 -27.85
CA GLY C 19 24.82 -13.74 -26.75
C GLY C 19 25.50 -14.09 -25.43
N LYS C 20 26.81 -13.84 -25.39
CA LYS C 20 27.56 -13.93 -24.14
C LYS C 20 26.92 -13.09 -23.04
N SER C 21 26.48 -11.87 -23.37
CA SER C 21 25.91 -10.94 -22.40
C SER C 21 24.45 -11.30 -22.07
N LEU C 22 23.65 -11.64 -23.09
CA LEU C 22 22.33 -12.20 -22.80
C LEU C 22 22.45 -13.35 -21.84
N ALA C 23 23.48 -14.19 -22.02
CA ALA C 23 23.59 -15.39 -21.19
C ALA C 23 23.85 -15.05 -19.73
N THR C 24 24.86 -14.18 -19.45
CA THR C 24 25.19 -13.85 -18.05
C THR C 24 24.08 -13.02 -17.43
N GLY C 25 23.54 -12.08 -18.19
CA GLY C 25 22.39 -11.32 -17.68
C GLY C 25 21.29 -12.22 -17.17
N ILE C 26 20.83 -13.17 -18.01
CA ILE C 26 19.70 -14.00 -17.62
C ILE C 26 20.11 -14.96 -16.53
N ILE C 27 21.30 -15.54 -16.64
CA ILE C 27 21.71 -16.45 -15.58
C ILE C 27 21.68 -15.74 -14.23
N ALA C 28 22.23 -14.50 -14.17
CA ALA C 28 22.38 -13.79 -12.90
C ALA C 28 21.03 -13.43 -12.33
N ARG C 29 20.10 -13.00 -13.20
CA ARG C 29 18.78 -12.64 -12.73
C ARG C 29 18.04 -13.85 -12.16
N ALA C 30 18.08 -14.99 -12.86
CA ALA C 30 17.36 -16.16 -12.36
C ALA C 30 17.85 -16.53 -10.96
N ILE C 31 19.18 -16.49 -10.76
CA ILE C 31 19.70 -16.89 -9.47
C ILE C 31 19.26 -15.87 -8.42
N ALA C 32 19.37 -14.58 -8.74
CA ALA C 32 18.97 -13.55 -7.78
C ALA C 32 17.48 -13.59 -7.49
N ASP C 33 16.66 -13.93 -8.48
CA ASP C 33 15.22 -14.00 -8.21
C ASP C 33 14.93 -15.11 -7.23
N LYS C 34 15.70 -16.20 -7.28
CA LYS C 34 15.48 -17.29 -6.33
C LYS C 34 15.77 -16.82 -4.90
N TYR C 35 16.85 -16.08 -4.72
CA TYR C 35 17.29 -15.66 -3.41
C TYR C 35 16.67 -14.31 -3.02
N HIS C 36 15.65 -13.85 -3.77
CA HIS C 36 14.89 -12.63 -3.41
C HIS C 36 15.79 -11.40 -3.31
N SER C 37 16.84 -11.35 -4.13
CA SER C 37 17.76 -10.23 -4.13
C SER C 37 17.74 -9.52 -5.46
N SER C 38 18.89 -9.06 -5.94
CA SER C 38 19.00 -8.46 -7.26
C SER C 38 20.44 -8.65 -7.72
N VAL C 39 20.82 -8.02 -8.83
CA VAL C 39 22.12 -8.23 -9.47
C VAL C 39 22.88 -6.92 -9.51
N TYR C 40 24.15 -6.96 -9.07
CA TYR C 40 25.08 -5.85 -9.23
C TYR C 40 26.02 -6.12 -10.39
N SER C 41 25.96 -5.28 -11.42
CA SER C 41 26.77 -5.44 -12.60
C SER C 41 27.99 -4.53 -12.51
N LEU C 42 29.11 -5.11 -12.45
CA LEU C 42 30.34 -4.36 -12.54
C LEU C 42 30.56 -3.93 -13.99
N PRO C 43 30.86 -2.67 -14.26
CA PRO C 43 31.26 -2.29 -15.61
C PRO C 43 32.54 -3.05 -16.00
N PRO C 44 32.77 -3.20 -17.30
CA PRO C 44 34.01 -3.87 -17.73
C PRO C 44 35.18 -2.97 -17.43
N ASP C 45 36.34 -3.59 -17.25
CA ASP C 45 37.47 -2.84 -16.74
C ASP C 45 36.96 -1.87 -15.69
N PRO C 46 36.58 -2.36 -14.51
CA PRO C 46 35.98 -1.51 -13.49
C PRO C 46 37.02 -0.89 -12.58
N ASP C 47 36.57 0.12 -11.86
CA ASP C 47 37.35 0.82 -10.84
C ASP C 47 36.66 0.89 -9.48
N HIS C 48 35.34 1.10 -9.45
CA HIS C 48 34.63 1.19 -8.19
C HIS C 48 33.34 0.37 -8.24
N PHE C 49 32.91 -0.03 -7.04
CA PHE C 49 31.75 -0.87 -6.83
C PHE C 49 30.50 -0.07 -6.46
N ASP C 50 30.44 1.21 -6.82
CA ASP C 50 29.35 2.02 -6.30
C ASP C 50 28.02 1.39 -6.67
N GLY C 51 27.08 1.45 -5.74
CA GLY C 51 25.86 0.71 -5.87
C GLY C 51 25.85 -0.64 -5.19
N TYR C 52 27.01 -1.16 -4.79
CA TYR C 52 27.02 -2.43 -4.10
C TYR C 52 26.22 -2.33 -2.82
N LYS C 53 25.22 -3.22 -2.70
CA LYS C 53 24.40 -3.36 -1.49
C LYS C 53 24.35 -4.82 -1.05
N GLN C 54 25.35 -5.63 -1.42
CA GLN C 54 25.37 -7.03 -1.07
C GLN C 54 24.29 -7.81 -1.82
N GLN C 55 24.07 -7.43 -3.08
CA GLN C 55 23.24 -8.25 -3.95
C GLN C 55 23.81 -9.67 -4.00
N VAL C 56 22.91 -10.66 -3.99
CA VAL C 56 23.32 -12.05 -4.02
C VAL C 56 24.17 -12.38 -5.23
N VAL C 57 24.02 -11.66 -6.32
CA VAL C 57 24.75 -11.98 -7.53
C VAL C 57 25.39 -10.71 -8.04
N THR C 58 26.64 -10.82 -8.44
CA THR C 58 27.30 -9.68 -9.00
C THR C 58 27.92 -10.19 -10.26
N VAL C 59 27.96 -9.36 -11.31
CA VAL C 59 28.38 -9.76 -12.65
C VAL C 59 29.61 -8.98 -13.06
N MET C 60 30.41 -9.57 -13.95
CA MET C 60 31.73 -9.05 -14.26
C MET C 60 32.01 -9.10 -15.76
N ASP C 61 31.37 -8.20 -16.51
CA ASP C 61 31.43 -8.27 -17.96
C ASP C 61 32.84 -7.99 -18.51
N ASP C 62 33.27 -8.84 -19.46
CA ASP C 62 34.49 -8.71 -20.28
C ASP C 62 35.75 -8.76 -19.40
N LEU C 63 36.06 -9.96 -18.92
CA LEU C 63 37.14 -10.15 -17.95
C LEU C 63 38.49 -10.21 -18.64
N CYS C 64 39.39 -9.29 -18.27
CA CYS C 64 40.73 -9.18 -18.87
C CYS C 64 40.66 -8.50 -20.24
N GLN C 65 40.12 -7.28 -20.29
CA GLN C 65 40.01 -6.50 -21.51
C GLN C 65 41.33 -5.80 -21.86
N PRO C 67 45.08 -5.28 -21.47
CA PRO C 67 44.51 -5.82 -20.23
C PRO C 67 44.97 -5.06 -18.96
N ASP C 68 46.15 -5.43 -18.44
CA ASP C 68 46.83 -4.79 -17.30
C ASP C 68 46.19 -5.12 -15.94
N GLY C 69 45.87 -6.40 -15.73
CA GLY C 69 45.59 -6.94 -14.41
C GLY C 69 44.57 -6.23 -13.53
N LYS C 70 43.99 -5.13 -13.99
CA LYS C 70 42.95 -4.45 -13.24
C LYS C 70 41.86 -5.41 -12.78
N ASP C 71 41.18 -6.06 -13.74
CA ASP C 71 40.03 -6.90 -13.43
C ASP C 71 40.42 -8.04 -12.50
N MET C 72 41.60 -8.62 -12.69
CA MET C 72 41.91 -9.91 -12.11
C MET C 72 42.22 -9.82 -10.62
N SER C 73 42.88 -8.75 -10.18
CA SER C 73 43.05 -8.58 -8.75
C SER C 73 41.70 -8.34 -8.07
N LEU C 74 40.80 -7.61 -8.72
CA LEU C 74 39.45 -7.47 -8.17
C LEU C 74 38.77 -8.82 -8.08
N PHE C 75 38.93 -9.67 -9.10
CA PHE C 75 38.19 -10.92 -9.16
C PHE C 75 38.65 -11.88 -8.07
N CYS C 76 39.97 -12.00 -7.89
CA CYS C 76 40.48 -12.99 -6.95
C CYS C 76 40.08 -12.65 -5.53
N GLN C 77 39.67 -11.42 -5.29
CA GLN C 77 39.26 -10.99 -3.97
C GLN C 77 37.78 -11.25 -3.75
N MET C 78 36.97 -10.97 -4.76
CA MET C 78 35.56 -11.33 -4.68
C MET C 78 35.37 -12.82 -4.47
N VAL C 79 36.13 -13.65 -5.16
CA VAL C 79 35.94 -15.09 -5.01
C VAL C 79 36.95 -15.67 -4.04
N SER C 80 36.68 -15.56 -2.75
CA SER C 80 37.61 -16.07 -1.75
C SER C 80 36.87 -16.20 -0.45
N THR C 81 37.60 -16.64 0.57
CA THR C 81 37.05 -16.75 1.92
C THR C 81 37.40 -15.53 2.77
N VAL C 82 38.48 -14.83 2.46
CA VAL C 82 38.89 -13.67 3.22
C VAL C 82 37.91 -12.53 2.95
N ASP C 83 37.56 -11.78 4.01
CA ASP C 83 36.75 -10.59 3.87
C ASP C 83 37.20 -9.73 2.70
N PHE C 84 36.35 -8.81 2.26
CA PHE C 84 36.68 -7.95 1.13
C PHE C 84 35.87 -6.66 1.24
N ILE C 85 36.57 -5.54 1.18
CA ILE C 85 35.99 -4.21 1.17
C ILE C 85 36.34 -3.58 -0.16
N PRO C 86 35.43 -3.56 -1.13
CA PRO C 86 35.79 -3.06 -2.47
C PRO C 86 35.93 -1.54 -2.44
N PRO C 87 36.55 -0.96 -3.47
CA PRO C 87 36.57 0.49 -3.60
C PRO C 87 35.18 1.11 -3.73
N MET C 88 35.06 2.35 -3.23
CA MET C 88 33.90 3.20 -3.47
C MET C 88 34.42 4.53 -4.00
N ALA C 89 33.69 5.09 -4.96
CA ALA C 89 33.99 6.41 -5.49
C ALA C 89 33.04 7.46 -4.94
N SER C 90 32.22 7.11 -3.95
CA SER C 90 31.32 8.05 -3.29
C SER C 90 31.42 8.00 -1.76
N LEU C 91 32.53 7.49 -1.20
CA LEU C 91 32.69 7.44 0.24
C LEU C 91 31.42 6.91 0.93
N ALA C 92 30.72 6.02 0.22
CA ALA C 92 29.52 5.34 0.70
C ALA C 92 29.87 4.14 1.55
N GLY C 95 27.24 -0.80 5.65
CA GLY C 95 28.36 -1.73 5.73
C GLY C 95 28.53 -2.53 4.44
N VAL C 96 29.62 -2.23 3.71
CA VAL C 96 29.84 -2.79 2.39
C VAL C 96 31.13 -3.61 2.36
N SER C 97 31.15 -4.69 3.12
CA SER C 97 31.95 -5.82 2.71
C SER C 97 31.27 -6.55 1.55
N PHE C 98 32.06 -7.11 0.67
CA PHE C 98 31.51 -7.87 -0.46
C PHE C 98 31.03 -9.25 -0.01
N THR C 99 29.75 -9.54 -0.17
CA THR C 99 29.27 -10.83 0.31
C THR C 99 28.36 -11.56 -0.70
N SER C 100 28.63 -11.41 -2.00
CA SER C 100 27.75 -11.97 -3.01
C SER C 100 27.95 -13.48 -3.06
N LYS C 101 26.86 -14.24 -3.25
CA LYS C 101 26.99 -15.68 -3.17
C LYS C 101 27.45 -16.28 -4.48
N PHE C 102 27.28 -15.55 -5.60
CA PHE C 102 27.60 -16.01 -6.94
C PHE C 102 28.32 -14.91 -7.72
N VAL C 103 29.27 -15.28 -8.57
CA VAL C 103 29.90 -14.31 -9.45
C VAL C 103 29.82 -14.89 -10.84
N ILE C 104 29.08 -14.21 -11.72
CA ILE C 104 29.00 -14.63 -13.10
C ILE C 104 29.83 -13.67 -13.91
N ALA C 105 30.84 -14.19 -14.61
CA ALA C 105 31.72 -13.39 -15.44
C ALA C 105 31.76 -13.94 -16.87
N SER C 106 32.09 -13.06 -17.79
CA SER C 106 32.28 -13.38 -19.20
C SER C 106 33.59 -12.80 -19.69
N THR C 107 34.34 -13.58 -20.45
CA THR C 107 35.61 -13.12 -21.02
C THR C 107 35.64 -13.38 -22.53
N ASN C 108 36.84 -13.42 -23.10
CA ASN C 108 37.02 -13.47 -24.54
C ASN C 108 38.12 -14.47 -24.89
N ASP C 121 46.92 -19.60 -11.72
CA ASP C 121 46.87 -20.93 -11.13
C ASP C 121 45.77 -21.04 -10.10
N ALA C 122 45.97 -20.40 -8.93
CA ALA C 122 44.92 -20.26 -7.94
C ALA C 122 43.70 -19.51 -8.49
N ILE C 123 43.81 -18.96 -9.70
CA ILE C 123 42.64 -18.40 -10.39
C ILE C 123 41.72 -19.52 -10.87
N ARG C 124 42.26 -20.49 -11.60
CA ARG C 124 41.43 -21.56 -12.15
C ARG C 124 40.93 -22.52 -11.10
N ARG C 125 41.24 -22.31 -9.81
CA ARG C 125 40.68 -23.13 -8.75
C ARG C 125 39.42 -22.52 -8.14
N ARG C 126 39.16 -21.24 -8.42
CA ARG C 126 38.03 -20.48 -7.88
C ARG C 126 36.80 -20.58 -8.76
N PHE C 127 37.01 -20.72 -10.06
CA PHE C 127 35.97 -21.13 -10.98
C PHE C 127 35.25 -22.38 -10.47
N TYR C 128 33.93 -22.28 -10.24
CA TYR C 128 33.20 -23.51 -10.01
C TYR C 128 32.99 -24.25 -11.32
N MET C 129 32.51 -23.54 -12.35
CA MET C 129 32.46 -24.00 -13.72
C MET C 129 33.15 -22.98 -14.59
N ASP C 130 33.55 -23.45 -15.78
CA ASP C 130 34.41 -22.69 -16.66
C ASP C 130 33.98 -23.11 -18.06
N CYS C 131 33.14 -22.28 -18.70
CA CYS C 131 32.33 -22.73 -19.82
C CYS C 131 32.54 -21.89 -21.08
N ASP C 132 32.55 -22.56 -22.23
CA ASP C 132 32.46 -21.90 -23.53
C ASP C 132 30.97 -21.71 -23.81
N ILE C 133 30.63 -20.62 -24.49
CA ILE C 133 29.27 -20.43 -24.96
C ILE C 133 29.19 -20.99 -26.36
N GLU C 134 28.00 -21.38 -26.79
CA GLU C 134 27.86 -22.04 -28.09
C GLU C 134 26.47 -21.79 -28.64
N VAL C 135 26.40 -21.01 -29.70
CA VAL C 135 25.21 -20.98 -30.51
C VAL C 135 25.06 -22.33 -31.19
N THR C 136 23.83 -22.76 -31.41
CA THR C 136 23.57 -23.88 -32.29
C THR C 136 23.34 -23.35 -33.70
N ASP C 137 23.78 -24.12 -34.70
CA ASP C 137 23.77 -23.65 -36.08
C ASP C 137 22.38 -23.37 -36.61
N SER C 138 21.35 -23.99 -36.02
CA SER C 138 19.99 -23.61 -36.36
C SER C 138 19.71 -22.13 -36.11
N TYR C 139 20.44 -21.52 -35.16
CA TYR C 139 20.24 -20.13 -34.79
C TYR C 139 21.44 -19.24 -35.13
N LYS C 140 22.29 -19.68 -36.05
CA LYS C 140 23.44 -18.90 -36.49
C LYS C 140 23.05 -18.02 -37.68
N THR C 141 23.35 -16.72 -37.61
CA THR C 141 23.23 -15.83 -38.76
C THR C 141 24.08 -16.35 -39.91
N ASP C 142 23.89 -15.78 -41.11
CA ASP C 142 24.82 -16.05 -42.20
C ASP C 142 26.21 -15.55 -41.86
N LEU C 143 26.29 -14.50 -41.04
CA LEU C 143 27.54 -13.86 -40.64
C LEU C 143 28.13 -14.44 -39.37
N GLY C 144 27.45 -15.39 -38.73
CA GLY C 144 28.08 -16.27 -37.76
C GLY C 144 27.62 -16.07 -36.32
N ARG C 145 26.89 -15.00 -36.03
CA ARG C 145 26.61 -14.61 -34.66
C ARG C 145 25.11 -14.70 -34.39
N LEU C 146 24.78 -14.98 -33.13
CA LEU C 146 23.43 -15.28 -32.68
C LEU C 146 22.37 -14.36 -33.31
N ASP C 147 21.39 -14.99 -33.96
CA ASP C 147 20.21 -14.29 -34.47
C ASP C 147 19.30 -13.92 -33.29
N ALA C 148 19.69 -12.83 -32.62
CA ALA C 148 18.99 -12.42 -31.39
C ALA C 148 17.49 -12.31 -31.62
N GLY C 149 17.08 -11.79 -32.77
CA GLY C 149 15.67 -11.51 -32.99
C GLY C 149 14.82 -12.75 -32.95
N ARG C 150 15.38 -13.89 -33.35
CA ARG C 150 14.64 -15.14 -33.31
C ARG C 150 14.82 -15.87 -32.00
N ALA C 151 16.00 -15.76 -31.40
CA ALA C 151 16.25 -16.50 -30.18
C ALA C 151 15.44 -15.97 -29.03
N ALA C 152 14.91 -14.74 -29.10
CA ALA C 152 14.19 -14.20 -27.96
C ALA C 152 12.69 -14.35 -28.11
N LYS C 153 12.24 -14.99 -29.19
CA LYS C 153 10.85 -15.36 -29.34
C LYS C 153 10.52 -16.40 -28.27
N LEU C 154 9.43 -16.19 -27.56
CA LEU C 154 9.15 -17.09 -26.47
C LEU C 154 8.83 -18.48 -27.01
N CYS C 155 9.36 -19.50 -26.34
CA CYS C 155 8.84 -20.85 -26.56
C CYS C 155 7.42 -20.93 -26.01
N SER C 156 6.62 -21.83 -26.58
CA SER C 156 5.28 -22.07 -26.06
C SER C 156 5.33 -22.92 -24.79
N GLU C 157 6.17 -23.95 -24.80
CA GLU C 157 6.20 -24.91 -23.70
C GLU C 157 7.23 -24.49 -22.63
N ASN C 158 7.02 -24.98 -21.43
CA ASN C 158 7.87 -24.62 -20.31
C ASN C 158 8.20 -25.87 -19.53
N ASN C 159 9.31 -26.50 -19.88
CA ASN C 159 9.85 -27.61 -19.13
C ASN C 159 10.91 -27.16 -18.14
N THR C 160 11.18 -25.85 -18.02
CA THR C 160 12.31 -25.39 -17.21
C THR C 160 11.97 -25.42 -15.74
N ALA C 161 13.01 -25.56 -14.95
CA ALA C 161 12.92 -25.63 -13.50
C ALA C 161 12.99 -24.26 -12.82
N ASN C 162 13.40 -23.19 -13.53
CA ASN C 162 13.78 -21.93 -12.86
C ASN C 162 13.19 -20.68 -13.50
N PHE C 163 12.13 -20.79 -14.29
CA PHE C 163 11.67 -19.69 -15.11
C PHE C 163 10.15 -19.72 -15.18
N LYS C 164 9.54 -18.53 -15.36
CA LYS C 164 8.12 -18.43 -15.64
C LYS C 164 7.80 -18.87 -17.06
N ARG C 165 8.70 -18.58 -17.97
CA ARG C 165 8.45 -18.72 -19.39
C ARG C 165 9.78 -19.02 -20.04
N CYS C 166 9.73 -19.65 -21.18
CA CYS C 166 10.91 -20.25 -21.76
C CYS C 166 11.16 -19.60 -23.10
N SER C 167 12.43 -19.55 -23.45
CA SER C 167 12.94 -18.87 -24.62
C SER C 167 14.11 -19.69 -25.13
N PRO C 168 14.38 -19.66 -26.45
CA PRO C 168 15.53 -20.43 -26.95
C PRO C 168 16.84 -19.98 -26.35
N LEU C 169 16.87 -18.83 -25.66
CA LEU C 169 18.01 -18.52 -24.81
C LEU C 169 17.99 -19.39 -23.56
N VAL C 170 16.85 -19.42 -22.85
CA VAL C 170 16.80 -20.15 -21.59
C VAL C 170 17.09 -21.61 -21.82
N CYS C 171 16.68 -22.08 -22.96
CA CYS C 171 16.16 -23.42 -23.22
C CYS C 171 17.21 -24.44 -23.66
N GLY C 172 18.22 -24.00 -24.38
CA GLY C 172 19.19 -24.85 -25.03
C GLY C 172 18.95 -24.97 -26.52
N LYS C 173 17.85 -24.41 -27.02
CA LYS C 173 17.59 -24.47 -28.44
C LYS C 173 18.56 -23.58 -29.17
N ALA C 174 18.79 -22.37 -28.67
CA ALA C 174 19.59 -21.40 -29.38
C ALA C 174 20.96 -21.17 -28.77
N ILE C 175 21.09 -21.25 -27.45
CA ILE C 175 22.31 -20.93 -26.72
C ILE C 175 22.58 -22.07 -25.76
N GLN C 176 23.80 -22.58 -25.79
CA GLN C 176 24.25 -23.65 -24.90
C GLN C 176 25.60 -23.30 -24.29
N LEU C 177 25.85 -23.84 -23.11
CA LEU C 177 27.07 -23.63 -22.36
C LEU C 177 27.69 -24.97 -22.09
N ARG C 178 28.93 -25.15 -22.52
CA ARG C 178 29.66 -26.40 -22.35
C ARG C 178 30.81 -26.21 -21.37
N ASP C 179 30.81 -27.02 -20.32
CA ASP C 179 31.92 -27.01 -19.38
C ASP C 179 33.16 -27.57 -20.06
N ARG C 180 34.29 -26.90 -19.90
CA ARG C 180 35.54 -27.41 -20.44
C ARG C 180 36.11 -28.54 -19.58
N LYS C 181 36.12 -28.36 -18.26
CA LYS C 181 36.75 -29.32 -17.35
C LYS C 181 36.07 -30.69 -17.46
N SER C 182 34.78 -30.75 -17.13
CA SER C 182 33.93 -31.86 -17.56
C SER C 182 33.30 -31.46 -18.89
N LYS C 183 32.94 -32.43 -19.69
CA LYS C 183 32.48 -32.10 -21.04
C LYS C 183 30.96 -32.11 -21.14
N VAL C 184 30.30 -31.56 -20.14
CA VAL C 184 28.84 -31.54 -20.04
C VAL C 184 28.33 -30.27 -20.68
N ARG C 185 27.46 -30.41 -21.67
CA ARG C 185 26.80 -29.22 -22.20
C ARG C 185 25.70 -28.81 -21.22
N TYR C 186 25.32 -27.54 -21.29
CA TYR C 186 24.31 -26.97 -20.41
C TYR C 186 23.46 -25.98 -21.19
N SER C 187 22.20 -25.84 -20.78
CA SER C 187 21.44 -24.64 -21.10
C SER C 187 21.47 -23.66 -19.93
N VAL C 188 21.09 -22.41 -20.23
CA VAL C 188 20.92 -21.37 -19.23
C VAL C 188 20.17 -21.95 -18.05
N ASP C 189 19.13 -22.71 -18.29
CA ASP C 189 18.31 -23.08 -17.15
C ASP C 189 18.94 -24.20 -16.30
N THR C 190 19.79 -25.07 -16.90
CA THR C 190 20.36 -26.18 -16.14
C THR C 190 21.68 -25.80 -15.47
N VAL C 191 22.44 -24.91 -16.08
CA VAL C 191 23.54 -24.27 -15.36
C VAL C 191 23.01 -23.47 -14.18
N VAL C 192 21.84 -22.84 -14.33
CA VAL C 192 21.26 -22.16 -13.19
C VAL C 192 20.94 -23.19 -12.10
N SER C 193 20.49 -24.37 -12.51
CA SER C 193 20.10 -25.37 -11.52
C SER C 193 21.30 -25.99 -10.82
N GLU C 194 22.41 -26.16 -11.53
CA GLU C 194 23.63 -26.67 -10.94
C GLU C 194 24.25 -25.67 -9.97
N LEU C 195 24.30 -24.39 -10.36
CA LEU C 195 24.91 -23.38 -9.53
C LEU C 195 24.17 -23.22 -8.20
N ILE C 196 22.85 -23.20 -8.25
CA ILE C 196 22.08 -23.17 -7.02
C ILE C 196 22.39 -24.40 -6.18
N ARG C 197 22.37 -25.57 -6.80
CA ARG C 197 22.62 -26.79 -6.06
C ARG C 197 23.95 -26.70 -5.34
N GLU C 198 24.97 -26.21 -6.03
CA GLU C 198 26.30 -26.10 -5.43
C GLU C 198 26.27 -25.18 -4.23
N TYR C 199 25.66 -24.00 -4.37
CA TYR C 199 25.69 -23.05 -3.28
C TYR C 199 24.96 -23.59 -2.06
N SER C 200 23.77 -24.16 -2.26
CA SER C 200 23.01 -24.67 -1.14
C SER C 200 23.76 -25.82 -0.49
N ASN C 201 24.56 -26.54 -1.28
CA ASN C 201 25.37 -27.62 -0.75
C ASN C 201 26.42 -27.09 0.21
N ARG C 202 27.06 -25.96 -0.15
CA ARG C 202 28.12 -25.41 0.67
C ARG C 202 27.58 -24.90 1.99
N SER C 203 26.34 -24.41 1.99
CA SER C 203 25.67 -24.06 3.24
C SER C 203 24.99 -25.25 3.90
N ALA C 204 24.78 -26.36 3.18
CA ALA C 204 24.45 -27.61 3.86
C ALA C 204 25.54 -28.02 4.82
N ILE C 205 26.80 -27.71 4.50
CA ILE C 205 27.95 -28.37 5.13
C ILE C 205 27.91 -28.19 6.64
N GLY C 206 27.61 -26.98 7.10
CA GLY C 206 27.39 -26.81 8.51
C GLY C 206 26.27 -27.70 9.04
N ASN C 207 25.20 -27.82 8.27
CA ASN C 207 24.06 -28.57 8.74
C ASN C 207 24.29 -30.09 8.67
N THR C 208 25.15 -30.58 7.76
CA THR C 208 25.37 -32.02 7.65
C THR C 208 26.29 -32.56 8.75
N ILE C 209 27.34 -31.82 9.13
CA ILE C 209 28.10 -32.18 10.33
C ILE C 209 27.14 -32.36 11.50
N GLU C 210 26.45 -31.27 11.88
CA GLU C 210 25.50 -31.30 12.98
C GLU C 210 24.58 -32.51 12.91
N ALA C 211 24.32 -33.00 11.70
CA ALA C 211 23.46 -34.17 11.55
C ALA C 211 24.15 -35.42 12.11
N LEU C 212 25.36 -35.71 11.64
CA LEU C 212 26.06 -36.91 12.08
C LEU C 212 26.21 -36.98 13.59
N PHE C 213 26.19 -35.84 14.27
CA PHE C 213 26.21 -35.80 15.73
C PHE C 213 24.89 -35.22 16.25
N HIS D 3 20.16 6.86 25.52
CA HIS D 3 19.94 5.83 26.55
C HIS D 3 19.83 4.46 25.87
N ARG D 4 19.07 3.49 26.42
CA ARG D 4 18.96 2.15 25.82
C ARG D 4 17.54 1.81 25.38
N ILE D 5 17.45 1.01 24.31
CA ILE D 5 16.18 0.42 23.91
C ILE D 5 15.63 -0.42 25.05
N GLU D 6 14.44 -0.05 25.56
CA GLU D 6 13.74 -0.88 26.52
C GLU D 6 13.67 -2.32 26.00
N PRO D 7 14.14 -3.31 26.76
CA PRO D 7 14.10 -4.69 26.24
C PRO D 7 12.67 -5.19 26.19
N VAL D 8 12.37 -6.08 25.21
CA VAL D 8 11.03 -6.66 25.15
C VAL D 8 10.93 -7.71 26.24
N CYS D 9 9.81 -7.72 26.96
CA CYS D 9 9.61 -8.56 28.14
C CYS D 9 8.34 -9.40 28.02
N LEU D 10 8.46 -10.67 28.40
CA LEU D 10 7.36 -11.61 28.45
C LEU D 10 7.25 -12.08 29.89
N ILE D 11 6.02 -12.25 30.37
CA ILE D 11 5.83 -12.87 31.67
C ILE D 11 4.93 -14.11 31.51
N ILE D 12 5.27 -15.17 32.24
CA ILE D 12 4.56 -16.42 32.21
C ILE D 12 3.97 -16.64 33.61
N ARG D 13 2.71 -16.25 33.80
CA ARG D 13 1.96 -16.56 35.03
C ARG D 13 1.46 -18.00 34.97
N GLY D 14 1.72 -18.75 36.03
CA GLY D 14 1.20 -20.11 36.11
C GLY D 14 1.31 -20.67 37.52
N SER D 15 0.41 -21.59 37.90
CA SER D 15 0.53 -22.23 39.20
C SER D 15 1.75 -23.13 39.18
N PRO D 16 2.13 -23.74 40.30
CA PRO D 16 3.34 -24.57 40.30
C PRO D 16 3.17 -25.79 39.42
N GLY D 17 4.31 -26.36 39.04
CA GLY D 17 4.36 -27.50 38.15
C GLY D 17 3.44 -27.49 36.96
N THR D 18 3.18 -26.32 36.36
CA THR D 18 2.55 -26.26 35.03
C THR D 18 3.59 -26.06 33.92
N GLY D 19 4.86 -26.37 34.20
CA GLY D 19 5.96 -26.15 33.28
C GLY D 19 6.53 -24.74 33.24
N LYS D 20 5.92 -23.79 33.92
CA LYS D 20 6.24 -22.37 33.76
C LYS D 20 7.75 -22.12 33.72
N SER D 21 8.52 -22.88 34.49
CA SER D 21 9.96 -22.64 34.57
C SER D 21 10.72 -23.25 33.39
N LEU D 22 10.16 -24.28 32.75
CA LEU D 22 10.77 -24.84 31.55
C LEU D 22 10.55 -23.92 30.37
N ALA D 23 9.36 -23.35 30.28
CA ALA D 23 9.10 -22.38 29.23
C ALA D 23 10.09 -21.21 29.28
N THR D 24 10.32 -20.60 30.45
CA THR D 24 11.24 -19.44 30.49
C THR D 24 12.64 -19.86 30.11
N GLY D 25 13.11 -21.01 30.58
CA GLY D 25 14.45 -21.47 30.21
C GLY D 25 14.60 -21.74 28.73
N ILE D 26 13.66 -22.53 28.16
CA ILE D 26 13.67 -22.81 26.74
C ILE D 26 13.49 -21.54 25.94
N ILE D 27 12.50 -20.72 26.27
CA ILE D 27 12.35 -19.47 25.52
C ILE D 27 13.66 -18.68 25.57
N ALA D 28 14.19 -18.47 26.78
CA ALA D 28 15.38 -17.63 26.94
C ALA D 28 16.57 -18.26 26.25
N ARG D 29 16.75 -19.56 26.35
CA ARG D 29 17.91 -20.17 25.68
C ARG D 29 17.85 -20.01 24.17
N ALA D 30 16.70 -20.31 23.55
CA ALA D 30 16.62 -20.18 22.11
C ALA D 30 16.91 -18.76 21.70
N ILE D 31 16.17 -17.80 22.28
CA ILE D 31 16.45 -16.39 21.99
C ILE D 31 17.93 -16.06 22.17
N ALA D 32 18.54 -16.46 23.30
CA ALA D 32 19.96 -16.20 23.47
C ALA D 32 20.79 -16.87 22.39
N ASP D 33 20.38 -18.05 21.91
CA ASP D 33 21.12 -18.70 20.83
C ASP D 33 21.05 -17.90 19.54
N LYS D 34 19.90 -17.28 19.26
CA LYS D 34 19.72 -16.53 18.02
C LYS D 34 20.61 -15.29 17.96
N TYR D 35 20.94 -14.72 19.10
CA TYR D 35 21.82 -13.56 19.16
C TYR D 35 23.25 -13.91 19.54
N HIS D 36 23.58 -15.19 19.68
CA HIS D 36 24.97 -15.63 19.91
C HIS D 36 25.44 -15.29 21.32
N SER D 37 24.55 -15.39 22.29
CA SER D 37 24.79 -14.87 23.62
C SER D 37 24.48 -15.96 24.64
N SER D 38 24.28 -15.57 25.89
CA SER D 38 23.89 -16.49 26.93
C SER D 38 22.74 -15.87 27.71
N VAL D 39 22.33 -16.58 28.76
CA VAL D 39 21.25 -16.19 29.64
C VAL D 39 21.83 -15.92 31.02
N TYR D 40 21.46 -14.78 31.62
CA TYR D 40 21.70 -14.54 33.02
C TYR D 40 20.39 -14.74 33.77
N SER D 41 20.40 -15.62 34.75
CA SER D 41 19.16 -15.98 35.43
C SER D 41 19.20 -15.47 36.85
N LEU D 42 18.27 -14.60 37.16
CA LEU D 42 18.16 -14.05 38.48
C LEU D 42 17.76 -15.12 39.46
N PRO D 43 18.31 -15.01 40.72
CA PRO D 43 17.84 -15.99 41.69
C PRO D 43 16.51 -15.54 42.23
N PRO D 44 15.79 -16.48 42.93
CA PRO D 44 14.50 -16.00 43.44
C PRO D 44 14.80 -15.02 44.53
N ASP D 45 13.92 -14.05 44.80
CA ASP D 45 14.19 -13.07 45.86
C ASP D 45 15.55 -12.49 45.59
N PRO D 46 15.71 -12.01 44.30
CA PRO D 46 17.06 -11.51 44.01
C PRO D 46 17.55 -10.37 44.86
N ASP D 47 18.84 -10.41 45.15
CA ASP D 47 19.50 -9.37 45.90
C ASP D 47 20.46 -8.64 45.00
N HIS D 48 21.33 -9.41 44.35
CA HIS D 48 22.39 -8.87 43.51
C HIS D 48 22.49 -9.53 42.17
N PHE D 49 23.28 -8.95 41.28
CA PHE D 49 23.41 -9.43 39.90
C PHE D 49 24.78 -10.04 39.59
N ASP D 50 25.27 -10.90 40.47
CA ASP D 50 26.65 -11.37 40.35
C ASP D 50 26.80 -12.35 39.19
N GLY D 51 27.73 -12.05 38.29
CA GLY D 51 27.86 -12.81 37.06
C GLY D 51 27.25 -12.15 35.85
N TYR D 52 26.53 -11.05 36.02
CA TYR D 52 25.93 -10.38 34.88
C TYR D 52 27.03 -9.79 34.02
N LYS D 53 27.07 -10.24 32.75
CA LYS D 53 28.04 -9.74 31.77
C LYS D 53 27.36 -9.14 30.53
N GLN D 54 26.17 -8.54 30.70
CA GLN D 54 25.36 -7.96 29.60
C GLN D 54 24.89 -9.01 28.58
N GLN D 55 24.52 -10.17 29.11
CA GLN D 55 23.92 -11.22 28.30
C GLN D 55 22.65 -10.72 27.58
N VAL D 56 22.44 -11.21 26.38
CA VAL D 56 21.28 -10.75 25.62
C VAL D 56 20.00 -10.97 26.41
N VAL D 57 19.89 -12.05 27.16
CA VAL D 57 18.65 -12.38 27.84
C VAL D 57 18.94 -12.55 29.31
N THR D 58 18.08 -12.00 30.16
CA THR D 58 18.12 -12.39 31.55
C THR D 58 16.75 -12.86 31.97
N VAL D 59 16.73 -13.90 32.78
CA VAL D 59 15.52 -14.57 33.22
C VAL D 59 15.26 -14.27 34.69
N MET D 60 13.99 -14.23 35.03
CA MET D 60 13.56 -13.81 36.36
C MET D 60 12.38 -14.68 36.74
N ASP D 61 12.63 -15.74 37.50
CA ASP D 61 11.56 -16.67 37.86
C ASP D 61 11.07 -16.46 39.29
N ASP D 62 9.79 -16.80 39.51
CA ASP D 62 9.13 -16.65 40.81
C ASP D 62 9.09 -15.17 41.24
N LEU D 63 9.05 -14.26 40.27
CA LEU D 63 8.81 -12.84 40.50
C LEU D 63 7.55 -12.66 41.33
N CYS D 64 7.68 -12.19 42.57
CA CYS D 64 6.54 -12.04 43.48
C CYS D 64 5.92 -10.64 43.34
N GLY D 69 8.44 -3.90 47.50
CA GLY D 69 8.73 -4.99 46.60
C GLY D 69 10.16 -4.99 46.08
N LYS D 70 10.94 -5.96 46.57
CA LYS D 70 12.32 -6.08 46.11
C LYS D 70 12.36 -6.45 44.65
N ASP D 71 11.75 -7.60 44.32
CA ASP D 71 11.67 -8.07 42.93
C ASP D 71 11.14 -6.99 42.02
N MET D 72 9.96 -6.45 42.35
CA MET D 72 9.29 -5.54 41.42
C MET D 72 10.12 -4.28 41.18
N SER D 73 10.38 -3.52 42.22
CA SER D 73 11.25 -2.35 42.07
C SER D 73 12.48 -2.69 41.24
N LEU D 74 13.03 -3.89 41.45
CA LEU D 74 14.17 -4.34 40.66
C LEU D 74 13.79 -4.58 39.19
N PHE D 75 12.77 -5.41 38.95
CA PHE D 75 12.26 -5.65 37.61
C PHE D 75 12.02 -4.35 36.85
N CYS D 76 11.41 -3.37 37.51
CA CYS D 76 10.98 -2.15 36.84
C CYS D 76 12.13 -1.29 36.32
N GLN D 77 13.37 -1.55 36.74
CA GLN D 77 14.50 -0.79 36.24
C GLN D 77 15.22 -1.52 35.12
N MET D 78 15.16 -2.85 35.11
CA MET D 78 15.68 -3.61 33.97
C MET D 78 14.93 -3.28 32.70
N VAL D 79 13.61 -3.28 32.75
CA VAL D 79 12.76 -3.13 31.55
C VAL D 79 12.48 -1.64 31.43
N SER D 80 13.44 -0.91 30.92
CA SER D 80 13.30 0.54 30.89
C SER D 80 14.19 1.12 29.82
N THR D 81 14.08 2.44 29.68
CA THR D 81 14.93 3.25 28.82
C THR D 81 16.18 3.75 29.54
N VAL D 82 16.14 3.85 30.88
CA VAL D 82 17.11 4.60 31.67
C VAL D 82 18.17 3.67 32.24
N ASP D 83 19.42 4.11 32.18
CA ASP D 83 20.55 3.31 32.64
C ASP D 83 20.34 2.80 34.05
N PHE D 84 20.54 1.49 34.23
CA PHE D 84 20.41 0.83 35.52
C PHE D 84 21.68 0.03 35.73
N ILE D 85 22.50 0.49 36.66
CA ILE D 85 23.72 -0.20 37.09
C ILE D 85 23.33 -0.99 38.35
N PRO D 86 23.21 -2.31 38.26
CA PRO D 86 22.51 -3.08 39.33
C PRO D 86 23.44 -3.49 40.45
N PRO D 87 22.91 -3.75 41.64
CA PRO D 87 23.81 -4.06 42.77
C PRO D 87 24.56 -5.38 42.58
N MET D 88 25.84 -5.35 42.88
CA MET D 88 26.70 -6.51 42.99
C MET D 88 27.13 -6.74 44.44
N ALA D 89 27.48 -7.99 44.75
CA ALA D 89 28.07 -8.35 46.04
C ALA D 89 29.55 -8.63 45.94
N SER D 90 30.17 -8.23 44.84
CA SER D 90 31.61 -8.36 44.64
C SER D 90 32.06 -7.01 44.09
N LEU D 91 32.80 -6.25 44.88
CA LEU D 91 33.28 -4.98 44.38
C LEU D 91 33.95 -5.14 43.02
N ALA D 92 34.58 -6.28 42.78
CA ALA D 92 35.29 -6.47 41.50
C ALA D 92 34.34 -6.46 40.32
N GLU D 93 33.10 -6.92 40.51
CA GLU D 93 32.18 -6.96 39.38
C GLU D 93 31.53 -5.61 39.14
N ALA D 94 31.12 -4.94 40.22
CA ALA D 94 30.24 -3.77 40.15
C ALA D 94 30.64 -2.73 39.11
N GLY D 95 29.67 -1.90 38.75
CA GLY D 95 29.84 -0.85 37.77
C GLY D 95 29.07 -1.04 36.47
N VAL D 96 28.63 -2.25 36.16
CA VAL D 96 28.10 -2.54 34.83
C VAL D 96 26.66 -2.08 34.73
N SER D 97 26.34 -1.39 33.64
CA SER D 97 24.96 -1.06 33.32
C SER D 97 24.23 -2.29 32.76
N PHE D 98 22.91 -2.23 32.78
CA PHE D 98 22.02 -3.32 32.34
C PHE D 98 21.57 -3.06 30.91
N THR D 99 22.07 -3.85 29.97
CA THR D 99 21.71 -3.68 28.55
C THR D 99 21.24 -4.99 27.92
N SER D 100 20.34 -5.71 28.59
CA SER D 100 19.77 -6.91 28.00
C SER D 100 18.62 -6.54 27.08
N LYS D 101 18.50 -7.29 25.97
CA LYS D 101 17.52 -7.04 24.93
C LYS D 101 16.16 -7.67 25.20
N PHE D 102 16.11 -8.71 26.02
CA PHE D 102 14.84 -9.31 26.43
C PHE D 102 14.93 -9.61 27.91
N VAL D 103 13.75 -9.67 28.55
CA VAL D 103 13.60 -10.12 29.93
C VAL D 103 12.40 -11.05 29.96
N ILE D 104 12.62 -12.28 30.40
CA ILE D 104 11.57 -13.29 30.48
C ILE D 104 11.33 -13.58 31.95
N ALA D 105 10.08 -13.57 32.36
CA ALA D 105 9.74 -13.68 33.77
C ALA D 105 8.57 -14.63 33.94
N SER D 106 8.48 -15.20 35.14
CA SER D 106 7.37 -16.05 35.52
C SER D 106 6.89 -15.71 36.93
N THR D 107 5.64 -16.04 37.24
CA THR D 107 5.13 -15.68 38.56
C THR D 107 3.91 -16.53 38.93
N ASN D 108 3.29 -16.15 40.05
CA ASN D 108 2.24 -16.90 40.75
C ASN D 108 1.01 -17.12 39.88
N ALA D 109 0.14 -18.00 40.37
CA ALA D 109 -1.09 -18.32 39.66
C ALA D 109 -1.80 -17.05 39.21
N THR D 110 -2.23 -16.22 40.15
CA THR D 110 -3.17 -15.15 39.83
C THR D 110 -2.50 -13.92 39.23
N ASP D 121 -1.13 -1.72 38.46
CA ASP D 121 -1.32 -0.40 37.85
C ASP D 121 -0.43 -0.20 36.63
N ALA D 122 0.79 0.28 36.90
CA ALA D 122 1.73 0.72 35.90
C ALA D 122 2.61 -0.39 35.35
N ILE D 123 2.71 -1.51 36.07
CA ILE D 123 3.55 -2.62 35.63
C ILE D 123 3.04 -3.19 34.32
N ARG D 124 1.76 -3.55 34.29
CA ARG D 124 1.11 -4.14 33.13
C ARG D 124 1.54 -3.46 31.83
N ARG D 125 1.86 -2.17 31.91
CA ARG D 125 2.35 -1.41 30.75
C ARG D 125 3.75 -1.85 30.28
N ARG D 126 4.51 -2.54 31.13
CA ARG D 126 5.87 -2.88 30.74
C ARG D 126 5.99 -4.29 30.19
N PHE D 127 4.99 -5.13 30.41
CA PHE D 127 4.96 -6.47 29.84
C PHE D 127 4.61 -6.35 28.37
N TYR D 128 5.57 -6.61 27.48
CA TYR D 128 5.21 -6.57 26.07
C TYR D 128 4.26 -7.69 25.71
N MET D 129 4.33 -8.81 26.43
CA MET D 129 3.30 -9.85 26.47
C MET D 129 3.23 -10.39 27.89
N ASP D 130 2.04 -10.88 28.27
CA ASP D 130 1.74 -11.29 29.64
C ASP D 130 0.85 -12.52 29.57
N CYS D 131 1.32 -13.67 30.05
CA CYS D 131 0.70 -14.91 29.62
C CYS D 131 0.39 -15.87 30.76
N ASP D 132 -0.81 -16.47 30.68
CA ASP D 132 -1.14 -17.70 31.39
C ASP D 132 -0.64 -18.89 30.59
N ILE D 133 0.05 -19.77 31.27
CA ILE D 133 0.60 -21.00 30.72
C ILE D 133 -0.41 -22.10 30.92
N GLU D 134 -0.53 -22.99 29.92
CA GLU D 134 -1.53 -24.07 29.91
C GLU D 134 -0.87 -25.41 29.66
N VAL D 135 -1.08 -26.34 30.55
CA VAL D 135 -0.75 -27.74 30.28
C VAL D 135 -1.99 -28.35 29.62
N THR D 136 -1.80 -28.93 28.44
CA THR D 136 -2.88 -29.63 27.78
C THR D 136 -3.30 -30.86 28.59
N ASP D 137 -4.56 -31.24 28.45
CA ASP D 137 -5.10 -32.28 29.33
C ASP D 137 -4.29 -33.57 29.23
N SER D 138 -4.08 -34.08 28.01
CA SER D 138 -3.29 -35.29 27.78
C SER D 138 -2.10 -35.37 28.74
N TYR D 139 -1.29 -34.31 28.80
CA TYR D 139 -0.04 -34.37 29.55
C TYR D 139 -0.17 -33.97 31.01
N LYS D 140 -1.37 -33.87 31.56
CA LYS D 140 -1.50 -33.56 32.97
C LYS D 140 -1.18 -34.81 33.79
N THR D 141 -0.28 -34.67 34.77
CA THR D 141 0.03 -35.79 35.65
C THR D 141 -1.26 -36.26 36.31
N ASP D 142 -1.15 -37.28 37.17
CA ASP D 142 -2.35 -37.83 37.78
C ASP D 142 -3.13 -36.79 38.57
N LEU D 143 -2.53 -35.63 38.85
CA LEU D 143 -3.16 -34.60 39.68
C LEU D 143 -2.71 -33.23 39.18
N GLY D 144 -3.39 -32.74 38.15
CA GLY D 144 -3.24 -31.36 37.70
C GLY D 144 -1.84 -30.78 37.76
N ARG D 145 -0.86 -31.52 37.24
CA ARG D 145 0.50 -31.04 37.10
C ARG D 145 0.99 -31.44 35.71
N LEU D 146 2.09 -30.81 35.28
CA LEU D 146 2.71 -31.18 34.02
C LEU D 146 3.41 -32.52 34.12
N ASP D 147 3.16 -33.39 33.14
CA ASP D 147 3.84 -34.70 33.04
C ASP D 147 5.15 -34.50 32.29
N ALA D 148 6.15 -33.96 33.00
CA ALA D 148 7.30 -33.38 32.32
C ALA D 148 8.07 -34.42 31.53
N GLY D 149 8.22 -35.62 32.08
CA GLY D 149 8.97 -36.63 31.37
C GLY D 149 8.42 -36.88 29.99
N ARG D 150 7.10 -37.04 29.90
CA ARG D 150 6.52 -37.37 28.60
C ARG D 150 6.52 -36.16 27.68
N ALA D 151 6.15 -34.99 28.20
CA ALA D 151 6.18 -33.79 27.37
C ALA D 151 7.59 -33.51 26.84
N ALA D 152 8.62 -33.87 27.61
CA ALA D 152 9.99 -33.67 27.12
C ALA D 152 10.31 -34.59 25.98
N LYS D 153 9.65 -35.74 25.90
CA LYS D 153 9.96 -36.77 24.92
C LYS D 153 9.71 -36.26 23.50
N LEU D 154 10.66 -36.55 22.62
CA LEU D 154 10.76 -35.75 21.42
C LEU D 154 9.73 -36.17 20.40
N CYS D 155 9.58 -35.31 19.39
CA CYS D 155 8.65 -35.50 18.28
C CYS D 155 9.43 -35.99 17.06
N SER D 156 8.72 -36.68 16.18
CA SER D 156 9.38 -37.20 14.99
C SER D 156 9.42 -36.15 13.91
N GLU D 157 8.35 -35.38 13.79
CA GLU D 157 8.25 -34.27 12.85
C GLU D 157 8.68 -32.94 13.52
N ASN D 158 9.32 -32.06 12.73
CA ASN D 158 9.81 -30.78 13.23
C ASN D 158 9.37 -29.64 12.34
N ASN D 159 8.26 -28.99 12.70
CA ASN D 159 7.77 -27.81 11.99
C ASN D 159 8.03 -26.50 12.74
N THR D 160 8.89 -26.48 13.77
CA THR D 160 9.18 -25.26 14.52
C THR D 160 10.01 -24.30 13.70
N ALA D 161 9.90 -23.01 14.04
CA ALA D 161 10.70 -21.98 13.39
C ALA D 161 12.03 -21.72 14.07
N ASN D 162 12.33 -22.38 15.23
CA ASN D 162 13.48 -21.94 16.04
C ASN D 162 14.20 -23.04 16.82
N PHE D 163 13.88 -24.31 16.65
CA PHE D 163 14.61 -25.40 17.27
C PHE D 163 14.95 -26.45 16.23
N LYS D 164 16.12 -27.09 16.39
CA LYS D 164 16.56 -28.12 15.45
C LYS D 164 15.94 -29.50 15.70
N ARG D 165 15.34 -29.73 16.86
CA ARG D 165 14.50 -30.88 17.13
C ARG D 165 13.29 -30.38 17.91
N CYS D 166 12.19 -31.11 17.84
CA CYS D 166 10.92 -30.63 18.32
C CYS D 166 10.48 -31.54 19.44
N SER D 167 9.50 -31.08 20.20
CA SER D 167 9.07 -31.80 21.38
C SER D 167 7.79 -31.15 21.87
N PRO D 168 6.98 -31.86 22.64
CA PRO D 168 5.71 -31.24 23.05
C PRO D 168 5.94 -29.97 23.84
N LEU D 169 7.06 -29.87 24.55
CA LEU D 169 7.37 -28.63 25.26
C LEU D 169 7.40 -27.45 24.29
N VAL D 170 7.76 -27.67 23.02
CA VAL D 170 7.96 -26.57 22.08
C VAL D 170 6.87 -26.35 21.03
N CYS D 171 6.18 -27.39 20.54
CA CYS D 171 5.30 -27.13 19.40
C CYS D 171 3.89 -26.76 19.82
N GLY D 172 3.49 -27.06 21.05
CA GLY D 172 2.16 -26.68 21.51
C GLY D 172 1.34 -27.86 21.94
N LYS D 173 1.86 -29.07 21.79
CA LYS D 173 1.09 -30.24 22.21
C LYS D 173 1.08 -30.41 23.71
N ALA D 174 2.21 -30.12 24.38
CA ALA D 174 2.26 -30.16 25.83
C ALA D 174 1.81 -28.85 26.48
N ILE D 175 2.65 -27.80 26.45
CA ILE D 175 2.35 -26.52 27.09
C ILE D 175 2.07 -25.48 26.02
N GLN D 176 1.11 -24.62 26.31
CA GLN D 176 0.75 -23.48 25.46
C GLN D 176 0.85 -22.24 26.31
N LEU D 177 0.80 -21.08 25.65
CA LEU D 177 0.90 -19.78 26.32
C LEU D 177 -0.23 -18.89 25.84
N ARG D 178 -0.97 -18.29 26.78
CA ARG D 178 -2.12 -17.48 26.41
C ARG D 178 -1.88 -16.04 26.82
N ASP D 179 -1.78 -15.17 25.83
CA ASP D 179 -1.63 -13.74 26.08
C ASP D 179 -2.92 -13.20 26.68
N ARG D 180 -2.81 -12.37 27.72
CA ARG D 180 -3.97 -12.01 28.53
C ARG D 180 -4.72 -10.79 28.01
N LYS D 181 -4.14 -10.03 27.06
CA LYS D 181 -4.85 -8.94 26.38
C LYS D 181 -5.38 -9.38 25.01
N SER D 182 -4.54 -9.95 24.16
CA SER D 182 -4.99 -10.39 22.84
C SER D 182 -5.72 -11.74 22.84
N LYS D 183 -5.64 -12.51 23.94
CA LYS D 183 -6.31 -13.82 24.09
C LYS D 183 -5.83 -14.84 23.05
N VAL D 184 -4.68 -14.57 22.47
CA VAL D 184 -4.07 -15.36 21.43
C VAL D 184 -3.25 -16.45 22.08
N ARG D 185 -3.19 -17.60 21.42
CA ARG D 185 -2.39 -18.72 21.90
C ARG D 185 -1.07 -18.83 21.15
N TYR D 186 -0.07 -19.40 21.83
CA TYR D 186 1.29 -19.54 21.35
C TYR D 186 1.85 -20.83 21.93
N SER D 187 2.76 -21.42 21.20
CA SER D 187 3.64 -22.44 21.74
C SER D 187 4.95 -21.81 22.21
N VAL D 188 5.86 -22.61 22.71
CA VAL D 188 7.13 -22.02 23.07
C VAL D 188 7.76 -21.46 21.82
N ASP D 189 7.62 -22.21 20.72
CA ASP D 189 8.24 -21.80 19.46
C ASP D 189 7.71 -20.46 18.96
N THR D 190 6.38 -20.27 18.98
CA THR D 190 5.82 -19.08 18.35
C THR D 190 6.04 -17.84 19.22
N VAL D 191 5.89 -17.96 20.53
CA VAL D 191 6.20 -16.81 21.37
C VAL D 191 7.66 -16.41 21.18
N VAL D 192 8.55 -17.38 21.00
CA VAL D 192 9.91 -16.99 20.63
C VAL D 192 9.93 -16.21 19.32
N SER D 193 8.92 -16.38 18.47
CA SER D 193 8.94 -15.70 17.19
C SER D 193 8.31 -14.32 17.26
N GLU D 194 7.24 -14.15 18.04
CA GLU D 194 6.78 -12.81 18.31
C GLU D 194 7.90 -11.97 18.90
N LEU D 195 8.49 -12.41 20.02
CA LEU D 195 9.51 -11.62 20.70
C LEU D 195 10.62 -11.18 19.74
N ILE D 196 11.18 -12.12 18.98
CA ILE D 196 12.26 -11.76 18.07
C ILE D 196 11.75 -10.76 17.05
N ARG D 197 10.50 -10.90 16.61
CA ARG D 197 9.92 -9.92 15.71
C ARG D 197 9.83 -8.56 16.40
N GLU D 198 9.39 -8.54 17.66
CA GLU D 198 9.17 -7.28 18.37
C GLU D 198 10.47 -6.57 18.72
N TYR D 199 11.57 -7.29 18.80
CA TYR D 199 12.81 -6.56 18.98
C TYR D 199 13.31 -6.02 17.65
N SER D 200 13.18 -6.83 16.59
CA SER D 200 13.57 -6.43 15.24
C SER D 200 12.97 -5.10 14.85
N ASN D 201 11.68 -4.93 15.09
CA ASN D 201 11.08 -3.61 14.94
C ASN D 201 11.96 -2.55 15.60
N ARG D 202 11.95 -2.56 16.94
CA ARG D 202 12.61 -1.52 17.73
C ARG D 202 14.08 -1.38 17.32
N SER D 203 14.81 -2.51 17.32
CA SER D 203 16.13 -2.58 16.70
C SER D 203 16.19 -1.77 15.40
N ALA D 204 15.39 -2.14 14.40
CA ALA D 204 15.44 -1.45 13.12
C ALA D 204 15.21 0.06 13.28
N ILE D 205 14.17 0.45 14.01
CA ILE D 205 13.84 1.87 14.15
C ILE D 205 15.03 2.61 14.74
N GLY D 206 15.33 2.36 16.01
CA GLY D 206 16.41 3.04 16.70
C GLY D 206 17.74 2.90 16.01
N ASN D 207 17.85 1.88 15.13
CA ASN D 207 19.05 1.70 14.33
C ASN D 207 19.20 2.80 13.28
N THR D 208 18.17 3.02 12.47
CA THR D 208 18.37 4.02 11.44
C THR D 208 18.54 5.39 12.08
N ILE D 209 17.86 5.62 13.20
CA ILE D 209 18.07 6.88 13.91
C ILE D 209 19.52 6.99 14.36
N GLU D 210 20.07 5.94 14.98
CA GLU D 210 21.42 6.03 15.52
C GLU D 210 22.44 6.14 14.40
N ALA D 211 22.26 5.37 13.33
CA ALA D 211 23.13 5.47 12.18
C ALA D 211 23.31 6.92 11.75
N LEU D 212 22.23 7.70 11.82
CA LEU D 212 22.21 9.08 11.38
C LEU D 212 22.96 10.03 12.31
N PHE D 213 23.08 9.71 13.61
CA PHE D 213 23.77 10.59 14.54
C PHE D 213 25.01 9.90 15.11
N HIS E 3 -27.42 -5.33 -12.20
CA HIS E 3 -27.55 -4.72 -10.88
C HIS E 3 -26.32 -3.87 -10.60
N ARG E 4 -26.29 -3.20 -9.44
CA ARG E 4 -25.43 -2.06 -9.19
C ARG E 4 -24.46 -2.30 -8.02
N ILE E 5 -23.48 -1.40 -7.92
CA ILE E 5 -22.77 -1.20 -6.67
C ILE E 5 -23.69 -0.47 -5.70
N GLU E 6 -23.83 -1.03 -4.52
CA GLU E 6 -24.65 -0.41 -3.49
C GLU E 6 -24.09 0.97 -3.16
N PRO E 7 -24.88 2.05 -3.28
CA PRO E 7 -24.34 3.39 -3.00
C PRO E 7 -23.78 3.50 -1.60
N VAL E 8 -22.70 4.28 -1.46
CA VAL E 8 -22.23 4.63 -0.11
C VAL E 8 -23.28 5.50 0.57
N CYS E 9 -23.49 5.22 1.85
CA CYS E 9 -24.52 5.91 2.61
C CYS E 9 -23.97 6.32 3.96
N LEU E 10 -24.28 7.55 4.34
CA LEU E 10 -24.00 8.09 5.66
C LEU E 10 -25.31 8.42 6.36
N ILE E 11 -25.44 8.02 7.62
CA ILE E 11 -26.57 8.41 8.45
C ILE E 11 -26.06 9.32 9.57
N ILE E 12 -26.63 10.52 9.68
CA ILE E 12 -26.20 11.51 10.66
C ILE E 12 -27.25 11.54 11.75
N ARG E 13 -26.92 10.99 12.91
CA ARG E 13 -27.79 11.02 14.07
C ARG E 13 -27.48 12.23 14.95
N GLY E 14 -28.53 12.84 15.47
CA GLY E 14 -28.35 14.03 16.28
C GLY E 14 -29.65 14.42 16.93
N SER E 15 -29.52 15.26 17.94
CA SER E 15 -30.66 15.81 18.67
C SER E 15 -31.15 17.08 17.98
N PRO E 16 -32.24 17.69 18.44
CA PRO E 16 -32.67 18.96 17.84
C PRO E 16 -31.73 20.08 18.21
N GLY E 17 -31.59 21.04 17.30
CA GLY E 17 -30.66 22.13 17.47
C GLY E 17 -29.22 21.80 17.15
N THR E 18 -28.94 20.55 16.76
CA THR E 18 -27.59 20.09 16.49
C THR E 18 -27.13 20.37 15.06
N GLY E 19 -28.00 20.80 14.16
CA GLY E 19 -27.61 21.07 12.78
C GLY E 19 -27.57 19.87 11.86
N LYS E 20 -28.51 18.93 12.00
CA LYS E 20 -28.52 17.75 11.12
C LYS E 20 -28.60 18.14 9.65
N SER E 21 -29.59 18.94 9.28
CA SER E 21 -29.87 19.16 7.86
C SER E 21 -29.03 20.28 7.25
N LEU E 22 -28.32 21.05 8.07
CA LEU E 22 -27.20 21.85 7.55
C LEU E 22 -26.07 20.93 7.14
N ALA E 23 -25.72 19.97 8.01
CA ALA E 23 -24.70 19.00 7.67
C ALA E 23 -25.09 18.24 6.41
N THR E 24 -26.23 17.55 6.43
CA THR E 24 -26.63 16.73 5.29
C THR E 24 -26.74 17.59 4.05
N GLY E 25 -27.39 18.73 4.17
CA GLY E 25 -27.46 19.65 3.07
C GLY E 25 -26.11 19.89 2.42
N ILE E 26 -25.15 20.38 3.21
CA ILE E 26 -23.85 20.74 2.65
C ILE E 26 -23.11 19.51 2.13
N ILE E 27 -23.23 18.38 2.84
CA ILE E 27 -22.47 17.20 2.46
C ILE E 27 -22.85 16.79 1.04
N ALA E 28 -24.16 16.55 0.81
CA ALA E 28 -24.66 16.08 -0.48
C ALA E 28 -24.43 17.09 -1.57
N ARG E 29 -24.38 18.37 -1.23
CA ARG E 29 -24.22 19.40 -2.24
C ARG E 29 -22.78 19.54 -2.71
N ALA E 30 -21.79 19.23 -1.85
CA ALA E 30 -20.39 19.25 -2.23
C ALA E 30 -20.03 18.03 -3.06
N ILE E 31 -20.65 16.89 -2.72
CA ILE E 31 -20.48 15.65 -3.46
C ILE E 31 -21.06 15.78 -4.85
N ALA E 32 -22.27 16.34 -4.94
CA ALA E 32 -22.83 16.71 -6.22
C ALA E 32 -21.84 17.56 -7.02
N ASP E 33 -21.40 18.67 -6.44
CA ASP E 33 -20.59 19.61 -7.21
C ASP E 33 -19.35 18.95 -7.79
N LYS E 34 -18.72 18.02 -7.07
CA LYS E 34 -17.62 17.26 -7.64
C LYS E 34 -18.08 16.53 -8.91
N TYR E 35 -19.22 15.85 -8.82
CA TYR E 35 -19.70 14.97 -9.89
C TYR E 35 -20.58 15.68 -10.92
N HIS E 36 -20.53 17.00 -11.00
CA HIS E 36 -21.31 17.77 -11.99
C HIS E 36 -22.78 17.34 -11.99
N SER E 37 -23.36 17.24 -10.80
CA SER E 37 -24.74 16.77 -10.65
C SER E 37 -25.44 17.68 -9.63
N SER E 38 -26.65 17.30 -9.22
CA SER E 38 -27.41 18.06 -8.22
C SER E 38 -27.99 17.06 -7.23
N VAL E 39 -28.98 17.50 -6.44
CA VAL E 39 -29.33 16.86 -5.18
C VAL E 39 -30.84 16.75 -5.08
N TYR E 40 -31.34 15.53 -5.01
CA TYR E 40 -32.78 15.29 -4.91
C TYR E 40 -33.14 15.26 -3.43
N SER E 41 -34.07 16.12 -3.03
CA SER E 41 -34.55 16.17 -1.64
C SER E 41 -35.80 15.31 -1.52
N LEU E 42 -35.62 14.09 -1.05
CA LEU E 42 -36.75 13.26 -0.73
C LEU E 42 -37.54 13.92 0.41
N PRO E 43 -38.87 13.92 0.35
CA PRO E 43 -39.67 14.43 1.48
C PRO E 43 -39.51 13.53 2.70
N PRO E 44 -39.73 14.06 3.90
CA PRO E 44 -40.03 13.19 5.04
C PRO E 44 -41.40 12.56 4.86
N ASP E 45 -41.54 11.33 5.32
CA ASP E 45 -42.72 10.55 4.98
C ASP E 45 -42.89 10.63 3.46
N PRO E 46 -42.04 9.93 2.68
CA PRO E 46 -41.88 10.17 1.24
C PRO E 46 -43.01 9.62 0.37
N HIS E 48 -43.75 9.33 -2.76
CA HIS E 48 -43.40 9.12 -4.17
C HIS E 48 -42.03 9.74 -4.47
N PHE E 49 -41.62 9.69 -5.75
CA PHE E 49 -40.28 10.12 -6.15
C PHE E 49 -40.33 11.15 -7.27
N ASP E 50 -41.36 12.00 -7.25
CA ASP E 50 -41.48 13.04 -8.25
C ASP E 50 -40.25 13.95 -8.24
N GLY E 51 -39.84 14.38 -9.43
CA GLY E 51 -38.64 15.15 -9.58
C GLY E 51 -37.37 14.34 -9.69
N TYR E 52 -37.43 13.02 -9.47
CA TYR E 52 -36.23 12.21 -9.49
C TYR E 52 -35.68 12.14 -10.92
N LYS E 53 -34.52 12.76 -11.14
CA LYS E 53 -33.92 12.90 -12.45
C LYS E 53 -32.45 12.45 -12.41
N GLN E 54 -32.28 11.21 -11.97
CA GLN E 54 -30.98 10.56 -11.78
C GLN E 54 -29.91 11.53 -11.35
N GLN E 55 -30.16 12.17 -10.20
CA GLN E 55 -29.15 12.99 -9.54
C GLN E 55 -28.18 12.07 -8.80
N VAL E 56 -26.91 12.46 -8.79
CA VAL E 56 -25.89 11.62 -8.15
C VAL E 56 -26.19 11.38 -6.67
N VAL E 57 -26.87 12.32 -6.00
CA VAL E 57 -27.08 12.23 -4.55
C VAL E 57 -28.53 12.48 -4.22
N THR E 58 -29.06 11.77 -3.24
CA THR E 58 -30.38 12.07 -2.72
C THR E 58 -30.33 12.10 -1.19
N VAL E 59 -31.05 13.07 -0.60
CA VAL E 59 -30.99 13.34 0.84
C VAL E 59 -32.29 12.90 1.47
N MET E 60 -32.19 12.02 2.43
CA MET E 60 -33.33 11.50 3.16
C MET E 60 -33.35 12.12 4.54
N ASP E 61 -34.18 13.15 4.72
CA ASP E 61 -34.21 13.90 5.95
C ASP E 61 -35.22 13.31 6.92
N ASP E 62 -34.92 13.48 8.20
CA ASP E 62 -35.82 13.08 9.28
C ASP E 62 -36.29 11.66 9.09
N LEU E 63 -35.34 10.76 8.83
CA LEU E 63 -35.63 9.33 8.86
C LEU E 63 -36.42 8.98 10.12
N CYS E 64 -37.59 8.38 9.93
CA CYS E 64 -38.37 7.92 11.05
C CYS E 64 -38.56 6.41 10.93
N GLY E 69 -42.28 0.41 9.43
CA GLY E 69 -42.02 1.80 9.14
C GLY E 69 -42.13 2.17 7.68
N LYS E 70 -42.92 3.18 7.37
CA LYS E 70 -43.07 3.59 5.97
C LYS E 70 -41.72 3.98 5.38
N ASP E 71 -40.98 4.85 6.07
CA ASP E 71 -39.80 5.48 5.50
C ASP E 71 -38.75 4.46 5.07
N MET E 72 -38.34 3.58 5.99
CA MET E 72 -37.11 2.82 5.82
C MET E 72 -37.31 1.45 5.18
N SER E 73 -38.55 1.06 4.87
CA SER E 73 -38.75 -0.01 3.90
C SER E 73 -38.45 0.50 2.48
N LEU E 74 -38.53 1.81 2.28
CA LEU E 74 -38.12 2.44 1.03
C LEU E 74 -36.60 2.65 0.97
N PHE E 75 -35.94 2.81 2.13
CA PHE E 75 -34.49 3.01 2.17
C PHE E 75 -33.76 1.70 1.85
N CYS E 76 -34.23 0.58 2.40
CA CYS E 76 -33.64 -0.71 2.11
C CYS E 76 -33.70 -1.07 0.63
N GLN E 77 -34.52 -0.38 -0.16
CA GLN E 77 -34.57 -0.55 -1.60
C GLN E 77 -33.62 0.39 -2.34
N MET E 78 -33.55 1.65 -1.89
CA MET E 78 -32.64 2.61 -2.50
C MET E 78 -31.19 2.20 -2.31
N VAL E 79 -30.80 1.91 -1.06
CA VAL E 79 -29.44 1.39 -0.78
C VAL E 79 -29.55 -0.13 -0.82
N SER E 80 -29.53 -0.66 -2.05
CA SER E 80 -29.53 -2.09 -2.34
C SER E 80 -28.69 -2.30 -3.60
N THR E 81 -28.10 -3.48 -3.74
CA THR E 81 -27.35 -3.79 -4.94
C THR E 81 -28.25 -4.05 -6.15
N VAL E 82 -29.51 -4.41 -5.94
CA VAL E 82 -30.43 -4.74 -7.03
C VAL E 82 -31.07 -3.45 -7.53
N ASP E 83 -31.88 -3.54 -8.59
CA ASP E 83 -32.42 -2.35 -9.23
C ASP E 83 -33.80 -1.97 -8.65
N PHE E 84 -34.26 -0.77 -9.01
CA PHE E 84 -35.39 -0.13 -8.33
C PHE E 84 -36.09 0.79 -9.33
N ILE E 85 -37.42 0.80 -9.29
CA ILE E 85 -38.23 1.73 -10.08
C ILE E 85 -39.16 2.45 -9.10
N PRO E 86 -38.85 3.67 -8.68
CA PRO E 86 -39.56 4.25 -7.54
C PRO E 86 -40.90 4.82 -7.95
N PRO E 87 -41.94 4.72 -7.07
CA PRO E 87 -43.26 5.29 -7.37
C PRO E 87 -43.22 6.80 -7.58
N SER E 97 -35.26 4.34 -13.25
CA SER E 97 -34.75 3.59 -12.12
C SER E 97 -33.94 4.49 -11.16
N PHE E 98 -33.45 3.93 -10.05
CA PHE E 98 -32.73 4.69 -9.04
C PHE E 98 -31.23 4.39 -9.15
N THR E 99 -30.48 5.38 -9.64
CA THR E 99 -29.06 5.21 -9.92
C THR E 99 -28.18 6.21 -9.18
N SER E 100 -28.66 6.78 -8.08
CA SER E 100 -27.83 7.71 -7.32
C SER E 100 -26.71 6.93 -6.63
N LYS E 101 -25.51 7.50 -6.66
CA LYS E 101 -24.34 6.88 -6.07
C LYS E 101 -24.23 7.09 -4.55
N PHE E 102 -24.96 8.08 -3.99
CA PHE E 102 -24.86 8.48 -2.59
C PHE E 102 -26.24 8.66 -1.97
N VAL E 103 -26.34 8.32 -0.69
CA VAL E 103 -27.51 8.62 0.14
C VAL E 103 -27.02 9.19 1.46
N ILE E 104 -27.46 10.41 1.78
CA ILE E 104 -27.18 11.06 3.07
C ILE E 104 -28.50 11.16 3.84
N ALA E 105 -28.54 10.57 5.04
CA ALA E 105 -29.75 10.55 5.84
C ALA E 105 -29.49 11.12 7.24
N SER E 106 -30.59 11.44 7.93
CA SER E 106 -30.54 12.02 9.26
C SER E 106 -31.75 11.54 10.03
N THR E 107 -31.58 11.25 11.31
CA THR E 107 -32.64 10.63 12.10
C THR E 107 -32.69 11.28 13.50
N ASN E 108 -33.50 10.67 14.38
CA ASN E 108 -33.74 11.18 15.72
C ASN E 108 -32.45 11.23 16.51
N ALA E 109 -32.60 11.58 17.79
CA ALA E 109 -31.47 11.80 18.68
C ALA E 109 -30.65 10.53 18.90
N THR E 110 -31.32 9.39 19.07
CA THR E 110 -30.64 8.14 19.37
C THR E 110 -30.75 7.13 18.22
N ILE E 123 -29.97 -3.80 8.47
CA ILE E 123 -30.01 -2.52 7.78
C ILE E 123 -28.64 -1.84 7.85
N ARG E 124 -28.06 -1.82 9.05
CA ARG E 124 -26.86 -1.03 9.29
C ARG E 124 -25.71 -1.42 8.37
N ARG E 125 -25.74 -2.61 7.77
CA ARG E 125 -24.74 -2.94 6.76
C ARG E 125 -24.75 -1.91 5.64
N ARG E 126 -25.91 -1.26 5.40
CA ARG E 126 -26.04 -0.25 4.36
C ARG E 126 -25.39 1.07 4.74
N PHE E 127 -25.32 1.38 6.05
CA PHE E 127 -24.70 2.61 6.54
C PHE E 127 -23.19 2.44 6.49
N TYR E 128 -22.55 3.00 5.47
CA TYR E 128 -21.10 2.95 5.44
C TYR E 128 -20.52 3.71 6.61
N MET E 129 -21.05 4.90 6.89
CA MET E 129 -20.72 5.66 8.08
C MET E 129 -21.98 5.96 8.87
N ASP E 130 -21.81 6.05 10.17
CA ASP E 130 -22.91 6.18 11.10
C ASP E 130 -22.45 7.19 12.14
N CYS E 131 -22.74 8.47 11.90
CA CYS E 131 -22.14 9.58 12.64
C CYS E 131 -23.15 10.24 13.56
N ASP E 132 -22.73 10.46 14.80
CA ASP E 132 -23.41 11.37 15.71
C ASP E 132 -22.88 12.77 15.48
N ILE E 133 -23.76 13.70 15.11
CA ILE E 133 -23.36 15.09 14.93
C ILE E 133 -23.22 15.72 16.31
N GLU E 134 -22.26 16.64 16.45
CA GLU E 134 -21.96 17.21 17.77
C GLU E 134 -21.51 18.66 17.66
N VAL E 135 -22.01 19.48 18.58
CA VAL E 135 -21.78 20.92 18.54
C VAL E 135 -20.71 21.27 19.57
N THR E 136 -19.71 22.04 19.14
CA THR E 136 -18.70 22.57 20.04
C THR E 136 -19.29 23.65 20.93
N ASP E 137 -18.97 23.59 22.23
CA ASP E 137 -19.50 24.57 23.17
C ASP E 137 -19.35 26.01 22.66
N SER E 138 -18.28 26.29 21.92
CA SER E 138 -18.04 27.65 21.50
C SER E 138 -19.20 28.17 20.65
N TYR E 139 -19.65 27.37 19.67
CA TYR E 139 -20.79 27.71 18.82
C TYR E 139 -22.10 27.16 19.37
N LYS E 140 -22.20 26.96 20.68
CA LYS E 140 -23.47 26.61 21.31
C LYS E 140 -24.20 27.90 21.69
N THR E 141 -25.53 27.84 21.69
CA THR E 141 -26.35 28.96 22.14
C THR E 141 -26.44 28.95 23.66
N ASP E 142 -27.08 29.98 24.19
CA ASP E 142 -27.36 29.98 25.62
C ASP E 142 -28.35 28.87 25.98
N LEU E 143 -29.19 28.47 25.03
CA LEU E 143 -30.07 27.32 25.23
C LEU E 143 -29.45 26.03 24.70
N GLY E 144 -28.14 26.01 24.53
CA GLY E 144 -27.44 24.78 24.22
C GLY E 144 -27.81 24.17 22.90
N ARG E 145 -27.95 24.98 21.86
CA ARG E 145 -28.14 24.51 20.51
C ARG E 145 -27.09 25.19 19.65
N LEU E 146 -26.95 24.73 18.41
CA LEU E 146 -26.01 25.36 17.50
C LEU E 146 -26.37 26.82 17.30
N ASP E 147 -25.35 27.64 17.04
CA ASP E 147 -25.55 29.05 16.70
C ASP E 147 -25.32 29.17 15.19
N ALA E 148 -26.37 28.87 14.44
CA ALA E 148 -26.24 28.79 12.99
C ALA E 148 -25.96 30.15 12.37
N GLY E 149 -26.52 31.22 12.94
CA GLY E 149 -26.20 32.54 12.44
C GLY E 149 -24.71 32.74 12.40
N ARG E 150 -24.05 32.58 13.55
CA ARG E 150 -22.60 32.73 13.60
C ARG E 150 -21.92 31.55 12.92
N ALA E 151 -22.40 30.33 13.17
CA ALA E 151 -21.79 29.15 12.55
C ALA E 151 -21.82 29.24 11.04
N ALA E 152 -22.80 29.93 10.48
CA ALA E 152 -22.89 30.04 9.03
C ALA E 152 -21.93 31.08 8.45
N LYS E 153 -21.41 32.00 9.28
CA LYS E 153 -20.56 33.08 8.77
C LYS E 153 -19.15 32.59 8.47
N LEU E 154 -18.63 33.00 7.32
CA LEU E 154 -17.48 32.32 6.74
C LEU E 154 -16.20 32.56 7.53
N CYS E 155 -15.34 31.56 7.53
CA CYS E 155 -13.97 31.73 8.00
C CYS E 155 -13.11 32.30 6.88
N SER E 156 -12.03 32.96 7.27
CA SER E 156 -11.15 33.58 6.30
C SER E 156 -10.29 32.53 5.59
N GLU E 157 -9.90 31.50 6.32
CA GLU E 157 -8.95 30.52 5.84
C GLU E 157 -9.66 29.36 5.16
N ASN E 158 -8.95 28.70 4.22
CA ASN E 158 -9.47 27.55 3.49
C ASN E 158 -8.38 26.46 3.45
N ASN E 159 -8.32 25.66 4.50
CA ASN E 159 -7.61 24.38 4.49
C ASN E 159 -8.60 23.26 4.19
N THR E 160 -9.20 23.32 3.00
CA THR E 160 -10.34 22.49 2.67
C THR E 160 -10.15 21.85 1.31
N ALA E 161 -10.67 20.62 1.19
CA ALA E 161 -10.51 19.77 0.02
C ALA E 161 -11.67 19.91 -0.96
N ASN E 162 -12.89 20.09 -0.45
CA ASN E 162 -14.07 19.99 -1.29
C ASN E 162 -14.85 21.30 -1.41
N PHE E 163 -14.37 22.39 -0.85
CA PHE E 163 -15.10 23.65 -0.90
C PHE E 163 -14.16 24.77 -1.30
N LYS E 164 -14.72 25.78 -1.97
CA LYS E 164 -13.97 26.98 -2.35
C LYS E 164 -13.97 28.04 -1.25
N ARG E 165 -14.80 27.89 -0.23
CA ARG E 165 -14.55 28.57 1.02
C ARG E 165 -15.30 27.80 2.10
N CYS E 166 -14.81 27.93 3.32
CA CYS E 166 -15.34 27.14 4.43
C CYS E 166 -15.94 28.07 5.47
N SER E 167 -16.80 27.49 6.27
CA SER E 167 -17.40 28.10 7.45
C SER E 167 -17.20 27.12 8.59
N PRO E 168 -17.49 27.51 9.83
CA PRO E 168 -17.32 26.58 10.94
C PRO E 168 -18.18 25.31 10.87
N LEU E 169 -18.99 25.16 9.82
CA LEU E 169 -19.70 23.90 9.57
C LEU E 169 -18.84 22.91 8.80
N VAL E 170 -18.02 23.40 7.87
CA VAL E 170 -17.19 22.52 7.06
C VAL E 170 -15.93 22.08 7.79
N CYS E 171 -15.47 22.89 8.76
CA CYS E 171 -14.11 22.86 9.29
C CYS E 171 -13.98 22.15 10.64
N GLY E 172 -15.08 21.77 11.27
CA GLY E 172 -15.04 21.18 12.60
C GLY E 172 -15.04 22.18 13.74
N LYS E 173 -14.90 23.47 13.44
CA LYS E 173 -15.02 24.50 14.47
C LYS E 173 -16.40 24.49 15.13
N ALA E 174 -17.47 24.58 14.35
CA ALA E 174 -18.82 24.52 14.91
C ALA E 174 -19.44 23.11 14.94
N ILE E 175 -19.29 22.34 13.87
CA ILE E 175 -20.00 21.06 13.72
C ILE E 175 -18.99 19.98 13.44
N GLN E 176 -19.07 18.90 14.21
CA GLN E 176 -18.20 17.75 14.06
C GLN E 176 -19.03 16.48 13.99
N LEU E 177 -18.52 15.48 13.27
CA LEU E 177 -19.17 14.20 13.15
C LEU E 177 -18.28 13.17 13.81
N ARG E 178 -18.83 12.51 14.82
CA ARG E 178 -18.14 11.47 15.57
C ARG E 178 -18.67 10.13 15.09
N ASP E 179 -17.82 9.40 14.39
CA ASP E 179 -18.16 8.05 13.99
C ASP E 179 -18.52 7.25 15.22
N ARG E 180 -19.60 6.48 15.13
CA ARG E 180 -20.05 5.69 16.27
C ARG E 180 -19.09 4.52 16.54
N LYS E 181 -18.71 3.79 15.49
CA LYS E 181 -17.75 2.69 15.64
C LYS E 181 -16.38 3.22 16.05
N SER E 182 -15.79 4.11 15.24
CA SER E 182 -14.41 4.54 15.50
C SER E 182 -14.29 5.30 16.81
N LYS E 183 -15.37 5.97 17.23
CA LYS E 183 -15.40 6.86 18.39
C LYS E 183 -14.66 8.19 18.14
N VAL E 184 -14.19 8.41 16.91
CA VAL E 184 -13.37 9.55 16.54
C VAL E 184 -14.25 10.63 15.93
N ARG E 185 -13.79 11.87 16.04
CA ARG E 185 -14.54 13.04 15.59
C ARG E 185 -13.85 13.59 14.34
N TYR E 186 -14.66 13.84 13.29
CA TYR E 186 -14.18 14.39 12.03
C TYR E 186 -14.91 15.67 11.71
N SER E 187 -14.28 16.51 10.90
CA SER E 187 -14.97 17.63 10.27
C SER E 187 -15.82 17.16 9.08
N VAL E 188 -16.77 18.01 8.68
CA VAL E 188 -17.65 17.69 7.56
C VAL E 188 -16.83 17.44 6.30
N ASP E 189 -15.91 18.36 5.98
CA ASP E 189 -15.02 18.21 4.82
C ASP E 189 -14.32 16.85 4.81
N THR E 190 -13.75 16.43 5.95
CA THR E 190 -13.01 15.18 5.89
C THR E 190 -13.95 13.99 5.74
N VAL E 191 -15.16 14.07 6.31
CA VAL E 191 -16.11 12.98 6.09
C VAL E 191 -16.59 12.99 4.63
N VAL E 192 -16.73 14.17 4.01
CA VAL E 192 -16.96 14.21 2.58
C VAL E 192 -15.87 13.40 1.88
N SER E 193 -14.62 13.82 2.02
CA SER E 193 -13.54 13.20 1.27
C SER E 193 -13.55 11.69 1.43
N GLU E 194 -14.08 11.19 2.54
CA GLU E 194 -14.10 9.76 2.82
C GLU E 194 -15.25 9.06 2.11
N LEU E 195 -16.35 9.77 1.89
CA LEU E 195 -17.46 9.18 1.15
C LEU E 195 -17.16 9.12 -0.34
N ILE E 196 -16.36 10.07 -0.83
CA ILE E 196 -15.94 10.04 -2.21
C ILE E 196 -14.88 8.97 -2.46
N ARG E 197 -14.01 8.71 -1.48
CA ARG E 197 -12.98 7.70 -1.69
C ARG E 197 -13.58 6.30 -1.63
N GLU E 198 -14.51 6.09 -0.71
CA GLU E 198 -15.14 4.79 -0.56
C GLU E 198 -16.01 4.42 -1.77
N TYR E 199 -16.41 5.41 -2.57
CA TYR E 199 -17.10 5.13 -3.82
C TYR E 199 -16.14 4.93 -4.99
N SER E 200 -15.05 5.72 -5.04
CA SER E 200 -13.97 5.46 -5.99
C SER E 200 -13.39 4.07 -5.78
N ASN E 201 -13.42 3.57 -4.55
CA ASN E 201 -13.06 2.20 -4.26
C ASN E 201 -14.01 1.21 -4.93
N ARG E 202 -15.32 1.36 -4.68
CA ARG E 202 -16.29 0.52 -5.35
C ARG E 202 -16.22 0.65 -6.86
N SER E 203 -15.87 1.83 -7.37
CA SER E 203 -16.16 2.19 -8.75
C SER E 203 -15.10 1.70 -9.72
N ALA E 204 -13.82 1.75 -9.33
CA ALA E 204 -12.73 1.49 -10.26
C ALA E 204 -12.99 0.23 -11.09
N ILE E 205 -12.89 -0.93 -10.44
CA ILE E 205 -13.00 -2.22 -11.12
C ILE E 205 -14.46 -2.69 -11.19
N GLY E 206 -15.25 -2.44 -10.15
CA GLY E 206 -16.58 -2.99 -10.07
C GLY E 206 -17.48 -2.57 -11.20
N ASN E 207 -17.14 -1.47 -11.88
CA ASN E 207 -17.97 -0.97 -12.97
C ASN E 207 -17.86 -1.86 -14.19
N THR E 208 -16.64 -2.08 -14.68
CA THR E 208 -16.46 -2.98 -15.82
C THR E 208 -16.90 -4.40 -15.51
N ILE E 209 -16.89 -4.80 -14.23
CA ILE E 209 -17.29 -6.16 -13.85
C ILE E 209 -18.74 -6.40 -14.26
N GLU E 210 -19.67 -5.59 -13.75
CA GLU E 210 -21.07 -5.76 -14.12
C GLU E 210 -21.26 -5.53 -15.61
N ALA E 211 -20.57 -4.53 -16.16
CA ALA E 211 -20.66 -4.31 -17.60
C ALA E 211 -20.48 -5.62 -18.34
N LEU E 212 -19.73 -6.56 -17.75
CA LEU E 212 -19.56 -7.89 -18.32
C LEU E 212 -20.75 -8.81 -18.04
N PHE E 213 -21.58 -8.51 -17.05
CA PHE E 213 -22.71 -9.39 -16.67
C PHE E 213 -24.08 -8.69 -16.82
N HIS F 3 -26.81 24.23 -15.05
CA HIS F 3 -26.64 23.70 -16.39
C HIS F 3 -25.37 24.29 -17.04
N ARG F 4 -25.16 24.05 -18.34
CA ARG F 4 -23.84 24.19 -18.93
C ARG F 4 -23.78 25.25 -20.02
N ILE F 5 -22.56 25.74 -20.24
CA ILE F 5 -22.25 26.58 -21.39
C ILE F 5 -22.50 25.76 -22.64
N GLU F 6 -23.12 26.38 -23.64
CA GLU F 6 -23.33 25.68 -24.90
C GLU F 6 -21.98 25.42 -25.55
N PRO F 7 -21.71 24.21 -26.05
CA PRO F 7 -20.40 23.93 -26.67
C PRO F 7 -20.25 24.59 -28.02
N VAL F 8 -19.09 25.24 -28.22
CA VAL F 8 -18.80 25.82 -29.52
C VAL F 8 -18.58 24.67 -30.47
N CYS F 9 -19.06 24.82 -31.70
CA CYS F 9 -19.12 23.69 -32.60
C CYS F 9 -18.93 24.15 -34.03
N LEU F 10 -18.14 23.38 -34.77
CA LEU F 10 -17.83 23.66 -36.17
C LEU F 10 -18.19 22.44 -37.00
N ILE F 11 -19.07 22.63 -37.96
CA ILE F 11 -19.45 21.57 -38.89
C ILE F 11 -18.85 21.90 -40.25
N ILE F 12 -18.33 20.88 -40.93
CA ILE F 12 -17.65 21.08 -42.20
C ILE F 12 -18.40 20.34 -43.30
N ARG F 13 -19.04 21.11 -44.20
CA ARG F 13 -19.76 20.59 -45.36
C ARG F 13 -18.82 20.48 -46.56
N GLY F 14 -18.95 19.39 -47.31
CA GLY F 14 -18.11 19.19 -48.47
C GLY F 14 -18.49 17.93 -49.22
N SER F 15 -17.93 17.82 -50.45
CA SER F 15 -18.08 16.66 -51.32
C SER F 15 -17.04 15.60 -50.99
N PRO F 16 -17.35 14.31 -51.16
CA PRO F 16 -16.35 13.28 -50.86
C PRO F 16 -15.10 13.47 -51.70
N GLY F 17 -13.95 13.07 -51.14
CA GLY F 17 -12.66 13.29 -51.77
C GLY F 17 -12.01 14.62 -51.42
N THR F 18 -12.79 15.58 -50.94
CA THR F 18 -12.25 16.77 -50.29
C THR F 18 -11.45 16.44 -49.05
N GLY F 19 -11.55 15.20 -48.55
CA GLY F 19 -10.93 14.83 -47.29
C GLY F 19 -11.33 15.84 -46.24
N LYS F 20 -12.60 15.81 -45.82
CA LYS F 20 -13.03 16.63 -44.70
C LYS F 20 -12.55 16.07 -43.36
N SER F 21 -12.49 14.74 -43.25
CA SER F 21 -11.97 14.09 -42.06
C SER F 21 -10.53 14.49 -41.81
N LEU F 22 -9.80 14.91 -42.83
CA LEU F 22 -8.47 15.46 -42.63
C LEU F 22 -8.52 16.84 -42.01
N ALA F 23 -9.67 17.52 -42.09
CA ALA F 23 -9.80 18.83 -41.48
C ALA F 23 -10.32 18.73 -40.05
N THR F 24 -11.40 17.98 -39.84
CA THR F 24 -11.92 17.78 -38.49
C THR F 24 -10.93 17.02 -37.60
N GLY F 25 -10.08 16.20 -38.18
CA GLY F 25 -9.01 15.59 -37.41
C GLY F 25 -7.96 16.62 -37.04
N ILE F 26 -7.39 17.29 -38.04
CA ILE F 26 -6.39 18.29 -37.73
C ILE F 26 -6.95 19.33 -36.77
N ILE F 27 -8.23 19.67 -36.95
CA ILE F 27 -8.84 20.70 -36.12
C ILE F 27 -8.98 20.22 -34.67
N ALA F 28 -9.61 19.05 -34.47
CA ALA F 28 -9.88 18.56 -33.12
C ALA F 28 -8.59 18.40 -32.31
N ARG F 29 -7.65 17.61 -32.83
CA ARG F 29 -6.35 17.45 -32.20
C ARG F 29 -5.78 18.78 -31.72
N ALA F 30 -5.64 19.73 -32.64
CA ALA F 30 -5.07 21.03 -32.33
C ALA F 30 -5.89 21.79 -31.28
N ILE F 31 -7.17 21.45 -31.10
CA ILE F 31 -7.99 22.05 -30.04
C ILE F 31 -7.82 21.30 -28.73
N ALA F 32 -7.68 19.98 -28.80
CA ALA F 32 -7.50 19.20 -27.59
C ALA F 32 -6.10 19.36 -27.00
N ASP F 33 -5.12 19.79 -27.79
CA ASP F 33 -3.80 20.06 -27.25
C ASP F 33 -3.80 21.35 -26.41
N LYS F 34 -4.20 22.47 -27.02
CA LYS F 34 -4.34 23.72 -26.29
C LYS F 34 -4.98 23.45 -24.94
N TYR F 35 -6.03 22.63 -24.92
CA TYR F 35 -6.72 22.32 -23.68
C TYR F 35 -6.18 21.06 -23.04
N HIS F 36 -4.96 20.67 -23.40
CA HIS F 36 -4.23 19.57 -22.76
C HIS F 36 -5.12 18.34 -22.67
N SER F 37 -5.54 17.85 -23.83
CA SER F 37 -6.56 16.82 -23.87
C SER F 37 -6.34 15.97 -25.12
N SER F 38 -7.34 15.16 -25.43
CA SER F 38 -7.39 14.36 -26.65
C SER F 38 -8.66 14.71 -27.44
N VAL F 39 -8.99 13.87 -28.42
CA VAL F 39 -10.22 13.95 -29.18
C VAL F 39 -11.01 12.66 -28.98
N TYR F 40 -12.33 12.78 -28.80
CA TYR F 40 -13.22 11.62 -28.85
C TYR F 40 -13.90 11.56 -30.21
N SER F 41 -13.91 10.38 -30.82
CA SER F 41 -14.46 10.20 -32.17
C SER F 41 -15.91 9.66 -32.18
N LYS F 53 -14.54 9.71 -21.87
CA LYS F 53 -14.04 10.04 -20.55
C LYS F 53 -13.94 11.59 -20.34
N GLN F 54 -15.06 12.28 -20.55
CA GLN F 54 -15.14 13.74 -20.40
C GLN F 54 -14.05 14.44 -21.19
N GLN F 55 -13.93 14.08 -22.46
CA GLN F 55 -12.95 14.69 -23.32
C GLN F 55 -13.34 16.11 -23.68
N VAL F 56 -12.38 16.88 -24.16
CA VAL F 56 -12.66 18.27 -24.50
C VAL F 56 -13.37 18.37 -25.85
N VAL F 57 -12.83 17.72 -26.89
CA VAL F 57 -13.36 17.78 -28.25
C VAL F 57 -13.94 16.43 -28.64
N THR F 58 -15.09 16.43 -29.30
CA THR F 58 -15.67 15.20 -29.86
C THR F 58 -15.90 15.38 -31.35
N VAL F 59 -15.31 14.49 -32.17
CA VAL F 59 -15.44 14.53 -33.61
C VAL F 59 -16.61 13.64 -34.03
N MET F 60 -17.54 14.22 -34.79
CA MET F 60 -18.71 13.50 -35.30
C MET F 60 -18.64 13.52 -36.83
N ASP F 61 -17.90 12.56 -37.41
CA ASP F 61 -17.63 12.54 -38.84
C ASP F 61 -18.78 11.88 -39.58
N ASP F 62 -19.09 12.42 -40.77
CA ASP F 62 -20.06 11.84 -41.70
C ASP F 62 -21.46 11.83 -41.07
N LEU F 63 -21.92 13.07 -40.87
CA LEU F 63 -23.14 13.39 -40.14
C LEU F 63 -24.28 13.48 -41.14
N CYS F 64 -25.26 12.58 -41.00
CA CYS F 64 -26.41 12.59 -41.87
C CYS F 64 -27.49 13.51 -41.31
N ASP F 71 -28.53 10.67 -35.91
CA ASP F 71 -27.36 11.50 -35.63
C ASP F 71 -27.77 12.91 -35.20
N MET F 72 -28.87 13.43 -35.76
CA MET F 72 -29.28 14.80 -35.49
C MET F 72 -30.00 14.95 -34.16
N SER F 73 -30.70 13.90 -33.72
CA SER F 73 -31.26 13.91 -32.38
C SER F 73 -30.17 13.79 -31.33
N LEU F 74 -29.10 13.05 -31.66
CA LEU F 74 -27.96 12.86 -30.77
C LEU F 74 -27.06 14.09 -30.77
N PHE F 75 -26.92 14.74 -31.93
CA PHE F 75 -26.23 16.03 -32.03
C PHE F 75 -26.96 17.09 -31.23
N CYS F 76 -28.20 17.37 -31.60
CA CYS F 76 -28.98 18.40 -30.92
C CYS F 76 -28.99 18.24 -29.41
N GLN F 77 -28.60 17.06 -28.90
CA GLN F 77 -28.53 16.83 -27.47
C GLN F 77 -27.13 17.02 -26.89
N MET F 78 -26.08 16.87 -27.71
CA MET F 78 -24.78 17.40 -27.33
C MET F 78 -24.84 18.93 -27.32
N VAL F 79 -24.81 19.56 -28.49
CA VAL F 79 -24.73 21.02 -28.59
C VAL F 79 -25.99 21.67 -28.01
N SER F 80 -26.07 21.73 -26.69
CA SER F 80 -27.17 22.38 -25.98
C SER F 80 -26.68 22.87 -24.63
N THR F 81 -27.54 23.64 -23.94
CA THR F 81 -27.18 24.12 -22.60
C THR F 81 -27.68 23.21 -21.50
N VAL F 82 -28.61 22.30 -21.80
CA VAL F 82 -29.14 21.34 -20.83
C VAL F 82 -28.00 20.44 -20.35
N ASP F 83 -28.26 19.62 -19.33
CA ASP F 83 -27.34 18.56 -18.93
C ASP F 83 -27.67 17.30 -19.71
N PHE F 84 -26.65 16.66 -20.28
CA PHE F 84 -26.85 15.51 -21.16
C PHE F 84 -26.03 14.32 -20.69
N ILE F 85 -26.69 13.16 -20.62
CA ILE F 85 -26.07 11.87 -20.30
C ILE F 85 -26.14 11.01 -21.57
N PRO F 86 -25.02 10.68 -22.22
CA PRO F 86 -25.08 9.90 -23.47
C PRO F 86 -25.05 8.40 -23.22
N PRO F 87 -25.66 7.60 -24.10
CA PRO F 87 -25.66 6.14 -23.91
C PRO F 87 -24.26 5.54 -23.97
N MET F 88 -24.03 4.57 -23.10
CA MET F 88 -22.82 3.76 -23.06
C MET F 88 -23.23 2.30 -23.23
N ALA F 89 -22.28 1.48 -23.69
CA ALA F 89 -22.50 0.03 -23.68
C ALA F 89 -22.55 -0.49 -22.25
N SER F 90 -21.58 -0.10 -21.43
CA SER F 90 -21.54 -0.50 -20.03
C SER F 90 -22.65 0.22 -19.24
N LEU F 91 -23.22 -0.50 -18.28
CA LEU F 91 -24.28 0.06 -17.44
C LEU F 91 -23.79 1.25 -16.64
N ALA F 92 -24.49 2.38 -16.77
CA ALA F 92 -24.23 3.60 -15.99
C ALA F 92 -22.85 4.12 -16.34
N GLU F 93 -21.94 4.26 -15.38
CA GLU F 93 -20.54 4.60 -15.62
C GLU F 93 -20.35 6.02 -16.11
N GLY F 95 -18.28 8.77 -13.74
CA GLY F 95 -18.96 10.04 -13.94
C GLY F 95 -18.94 10.53 -15.39
N VAL F 96 -20.04 10.32 -16.12
CA VAL F 96 -20.07 10.62 -17.55
C VAL F 96 -21.36 11.33 -17.98
N SER F 97 -21.44 12.64 -17.70
CA SER F 97 -22.35 13.53 -18.41
C SER F 97 -21.54 14.26 -19.47
N PHE F 98 -22.16 14.51 -20.62
CA PHE F 98 -21.42 15.06 -21.76
C PHE F 98 -21.00 16.50 -21.46
N THR F 99 -19.69 16.77 -21.54
CA THR F 99 -19.16 18.07 -21.15
C THR F 99 -18.17 18.63 -22.17
N SER F 100 -18.10 18.08 -23.38
CA SER F 100 -17.05 18.46 -24.31
C SER F 100 -17.20 19.90 -24.75
N LYS F 101 -16.12 20.66 -24.67
CA LYS F 101 -16.21 22.10 -24.91
C LYS F 101 -16.41 22.41 -26.38
N PHE F 102 -15.91 21.54 -27.25
CA PHE F 102 -15.99 21.75 -28.69
C PHE F 102 -16.54 20.49 -29.34
N VAL F 103 -17.31 20.68 -30.42
CA VAL F 103 -17.85 19.60 -31.24
C VAL F 103 -17.50 19.91 -32.68
N ILE F 104 -16.71 19.05 -33.32
CA ILE F 104 -16.34 19.24 -34.71
C ILE F 104 -17.04 18.17 -35.54
N ALA F 105 -17.84 18.61 -36.52
CA ALA F 105 -18.70 17.74 -37.33
C ALA F 105 -18.37 17.88 -38.81
N SER F 106 -18.58 16.80 -39.57
CA SER F 106 -18.32 16.78 -41.01
C SER F 106 -19.45 16.08 -41.75
N THR F 107 -19.97 16.72 -42.79
CA THR F 107 -21.22 16.30 -43.42
C THR F 107 -21.28 16.61 -44.92
N ARG F 126 -27.17 25.97 -33.94
CA ARG F 126 -26.29 25.34 -32.96
C ARG F 126 -24.84 25.35 -33.46
N PHE F 127 -24.67 25.62 -34.74
CA PHE F 127 -23.34 25.68 -35.35
C PHE F 127 -22.78 27.08 -35.15
N TYR F 128 -21.83 27.23 -34.23
CA TYR F 128 -21.20 28.54 -34.12
C TYR F 128 -20.66 28.95 -35.48
N MET F 129 -20.01 28.02 -36.19
CA MET F 129 -19.59 28.23 -37.56
C MET F 129 -20.16 27.11 -38.43
N ASP F 130 -20.39 27.45 -39.70
CA ASP F 130 -20.97 26.53 -40.68
C ASP F 130 -20.21 26.76 -41.98
N CYS F 131 -19.32 25.84 -42.33
CA CYS F 131 -18.29 26.13 -43.31
C CYS F 131 -18.34 25.19 -44.52
N ASP F 132 -17.98 25.74 -45.69
CA ASP F 132 -17.78 25.00 -46.93
C ASP F 132 -16.30 24.70 -47.13
N ILE F 133 -16.01 23.49 -47.60
CA ILE F 133 -14.63 23.08 -47.86
C ILE F 133 -14.29 23.39 -49.32
N GLU F 134 -13.07 23.89 -49.53
CA GLU F 134 -12.65 24.35 -50.86
C GLU F 134 -11.20 23.96 -51.07
N VAL F 135 -10.98 23.10 -52.07
CA VAL F 135 -9.65 22.67 -52.48
C VAL F 135 -9.16 23.60 -53.59
N THR F 136 -8.03 24.24 -53.39
CA THR F 136 -7.44 25.01 -54.47
C THR F 136 -7.24 24.08 -55.66
N ASP F 137 -7.62 24.55 -56.84
CA ASP F 137 -7.47 23.76 -58.06
C ASP F 137 -6.03 23.26 -58.21
N SER F 138 -5.07 24.09 -57.79
CA SER F 138 -3.65 23.72 -57.91
C SER F 138 -3.34 22.41 -57.20
N TYR F 139 -3.93 22.19 -56.04
CA TYR F 139 -3.72 20.96 -55.25
C TYR F 139 -4.84 19.95 -55.48
N LYS F 140 -5.37 19.85 -56.69
CA LYS F 140 -6.37 18.84 -57.05
C LYS F 140 -5.72 17.76 -57.92
N THR F 141 -6.17 16.51 -57.72
CA THR F 141 -5.73 15.40 -58.55
C THR F 141 -6.42 15.43 -59.91
N ASP F 142 -5.95 14.56 -60.81
CA ASP F 142 -6.47 14.52 -62.19
C ASP F 142 -7.99 14.57 -62.22
N LEU F 143 -8.63 13.69 -61.45
CA LEU F 143 -10.08 13.66 -61.42
C LEU F 143 -10.59 14.37 -60.18
N LEU F 146 -8.92 16.03 -54.00
CA LEU F 146 -7.75 16.64 -53.37
C LEU F 146 -6.56 15.70 -53.46
N ASP F 147 -5.38 16.28 -53.64
CA ASP F 147 -4.12 15.53 -53.68
C ASP F 147 -3.44 15.75 -52.34
N ALA F 148 -3.78 14.89 -51.38
CA ALA F 148 -3.18 14.96 -50.05
C ALA F 148 -1.67 14.72 -50.11
N GLY F 149 -1.20 13.82 -50.98
CA GLY F 149 0.23 13.62 -51.15
C GLY F 149 0.97 14.92 -51.31
N ARG F 150 0.49 15.78 -52.20
CA ARG F 150 1.10 17.08 -52.44
C ARG F 150 0.65 18.11 -51.40
N ALA F 151 -0.64 18.06 -51.02
CA ALA F 151 -1.20 19.02 -50.08
C ALA F 151 -0.60 18.89 -48.69
N ALA F 152 -0.09 17.72 -48.34
CA ALA F 152 0.63 17.52 -47.09
C ALA F 152 2.13 17.47 -47.40
N LYS F 153 2.77 18.62 -47.22
CA LYS F 153 4.20 18.80 -47.24
C LYS F 153 4.47 19.89 -46.23
N LEU F 154 5.74 20.18 -45.96
CA LEU F 154 6.08 21.27 -45.04
C LEU F 154 6.54 22.47 -45.87
N CYS F 155 5.72 23.50 -45.92
CA CYS F 155 6.19 24.77 -46.43
C CYS F 155 7.42 25.19 -45.64
N SER F 156 8.35 25.85 -46.31
CA SER F 156 9.56 26.28 -45.61
C SER F 156 9.21 27.12 -44.37
N GLU F 157 8.34 28.11 -44.54
CA GLU F 157 7.98 29.03 -43.48
C GLU F 157 6.96 28.41 -42.54
N ASN F 158 7.01 28.83 -41.26
CA ASN F 158 6.07 28.37 -40.23
C ASN F 158 5.45 29.60 -39.56
N ASN F 159 4.56 30.28 -40.28
CA ASN F 159 3.86 31.45 -39.76
C ASN F 159 2.52 31.11 -39.13
N THR F 160 2.39 29.92 -38.55
CA THR F 160 1.11 29.51 -37.98
C THR F 160 0.83 30.21 -36.65
N ALA F 161 -0.36 29.95 -36.13
CA ALA F 161 -0.76 30.35 -34.79
C ALA F 161 -0.82 29.18 -33.84
N ASN F 162 -1.36 28.05 -34.29
CA ASN F 162 -1.67 26.92 -33.42
C ASN F 162 -0.95 25.63 -33.80
N PHE F 163 0.10 25.67 -34.62
CA PHE F 163 0.80 24.44 -34.98
C PHE F 163 2.31 24.61 -34.85
N LYS F 164 2.94 23.63 -34.22
CA LYS F 164 4.40 23.63 -34.10
C LYS F 164 5.10 23.64 -35.46
N ARG F 165 4.42 23.25 -36.53
CA ARG F 165 4.99 23.28 -37.86
C ARG F 165 3.89 23.59 -38.87
N CYS F 166 4.28 24.10 -40.03
CA CYS F 166 3.34 24.53 -41.06
C CYS F 166 3.32 23.60 -42.27
N SER F 167 2.18 23.62 -42.95
CA SER F 167 1.93 22.76 -44.09
C SER F 167 0.96 23.48 -45.01
N PRO F 168 0.77 22.98 -46.24
CA PRO F 168 -0.27 23.57 -47.09
C PRO F 168 -1.67 23.31 -46.56
N LEU F 169 -1.87 22.23 -45.81
CA LEU F 169 -3.18 21.97 -45.22
C LEU F 169 -3.54 22.92 -44.10
N VAL F 170 -2.61 23.76 -43.63
CA VAL F 170 -2.88 24.67 -42.51
C VAL F 170 -2.51 26.12 -42.88
N CYS F 171 -1.58 26.29 -43.80
CA CYS F 171 -1.30 27.62 -44.32
C CYS F 171 -2.43 28.16 -45.18
N GLY F 172 -3.59 27.50 -45.31
CA GLY F 172 -4.57 27.88 -46.30
C GLY F 172 -4.18 27.62 -47.75
N LYS F 173 -2.91 27.30 -48.02
CA LYS F 173 -2.44 27.21 -49.41
C LYS F 173 -3.15 26.11 -50.17
N ALA F 174 -3.45 25.00 -49.51
CA ALA F 174 -4.05 23.84 -50.15
C ALA F 174 -5.54 23.67 -49.87
N ILE F 175 -6.10 24.44 -48.93
CA ILE F 175 -7.44 24.15 -48.42
C ILE F 175 -7.92 25.31 -47.56
N GLN F 176 -9.17 25.72 -47.75
CA GLN F 176 -9.71 26.88 -47.08
C GLN F 176 -11.09 26.57 -46.52
N LEU F 177 -11.57 27.46 -45.65
CA LEU F 177 -12.86 27.31 -45.01
C LEU F 177 -13.62 28.62 -45.09
N ARG F 178 -14.92 28.54 -45.37
CA ARG F 178 -15.78 29.71 -45.52
C ARG F 178 -17.06 29.46 -44.74
N ASP F 179 -17.28 30.23 -43.67
CA ASP F 179 -18.59 30.25 -43.03
C ASP F 179 -19.64 30.61 -44.08
N ARG F 180 -20.85 30.06 -43.97
CA ARG F 180 -21.89 30.35 -44.95
C ARG F 180 -22.95 31.32 -44.42
N LYS F 181 -23.06 31.50 -43.11
CA LYS F 181 -23.80 32.62 -42.53
C LYS F 181 -22.87 33.74 -42.08
N SER F 182 -21.68 33.83 -42.70
CA SER F 182 -20.76 34.94 -42.72
C SER F 182 -19.75 34.65 -43.81
N LYS F 183 -19.32 35.68 -44.52
CA LYS F 183 -18.53 35.47 -45.74
C LYS F 183 -17.03 35.61 -45.48
N VAL F 184 -16.53 34.90 -44.48
CA VAL F 184 -15.13 34.96 -44.08
C VAL F 184 -14.46 33.65 -44.45
N ARG F 185 -13.28 33.74 -45.05
CA ARG F 185 -12.47 32.57 -45.33
C ARG F 185 -11.51 32.31 -44.17
N TYR F 186 -11.24 31.03 -43.94
CA TYR F 186 -10.28 30.61 -42.92
C TYR F 186 -9.36 29.55 -43.51
N SER F 187 -8.17 29.48 -42.93
CA SER F 187 -7.32 28.31 -42.99
C SER F 187 -7.57 27.44 -41.77
N VAL F 188 -7.04 26.21 -41.81
CA VAL F 188 -7.16 25.31 -40.67
C VAL F 188 -6.63 25.98 -39.42
N ASP F 189 -5.54 26.74 -39.56
CA ASP F 189 -4.95 27.39 -38.40
C ASP F 189 -5.86 28.48 -37.87
N THR F 190 -6.47 29.28 -38.75
CA THR F 190 -7.25 30.42 -38.28
C THR F 190 -8.65 30.04 -37.83
N VAL F 191 -9.21 28.93 -38.34
CA VAL F 191 -10.49 28.47 -37.79
C VAL F 191 -10.30 27.97 -36.37
N VAL F 192 -9.20 27.28 -36.10
CA VAL F 192 -8.92 26.82 -34.75
C VAL F 192 -8.58 28.01 -33.85
N SER F 193 -8.02 29.08 -34.42
CA SER F 193 -7.85 30.31 -33.66
C SER F 193 -9.20 30.92 -33.30
N GLU F 194 -10.15 30.91 -34.25
CA GLU F 194 -11.47 31.47 -33.99
C GLU F 194 -12.19 30.67 -32.92
N LEU F 195 -12.20 29.34 -33.06
CA LEU F 195 -13.02 28.51 -32.17
C LEU F 195 -12.52 28.54 -30.74
N ILE F 196 -11.22 28.75 -30.53
CA ILE F 196 -10.70 28.86 -29.18
C ILE F 196 -11.05 30.23 -28.60
N ARG F 197 -10.88 31.29 -29.40
CA ARG F 197 -11.32 32.63 -29.00
C ARG F 197 -12.80 32.64 -28.62
N GLU F 198 -13.67 32.03 -29.44
CA GLU F 198 -15.10 32.12 -29.18
C GLU F 198 -15.48 31.34 -27.93
N TYR F 199 -14.88 30.19 -27.71
CA TYR F 199 -15.18 29.47 -26.47
C TYR F 199 -14.80 30.31 -25.25
N SER F 200 -13.69 31.03 -25.34
CA SER F 200 -13.18 31.80 -24.21
C SER F 200 -14.14 32.92 -23.84
N ASN F 201 -14.61 33.69 -24.83
CA ASN F 201 -15.59 34.73 -24.51
C ASN F 201 -16.89 34.12 -23.99
N ARG F 202 -17.37 33.06 -24.63
CA ARG F 202 -18.60 32.44 -24.17
C ARG F 202 -18.48 32.00 -22.72
N SER F 203 -17.31 31.50 -22.33
CA SER F 203 -17.13 30.99 -20.97
C SER F 203 -17.11 32.12 -19.94
N ALA F 204 -16.36 33.19 -20.24
CA ALA F 204 -16.29 34.33 -19.33
C ALA F 204 -17.68 34.90 -19.07
N ILE F 205 -18.36 35.32 -20.14
CA ILE F 205 -19.72 35.87 -20.01
C ILE F 205 -20.67 34.81 -19.45
N GLY F 206 -20.72 33.63 -20.08
CA GLY F 206 -21.64 32.60 -19.64
C GLY F 206 -21.44 32.17 -18.22
N ASN F 207 -20.19 32.23 -17.72
CA ASN F 207 -19.95 31.84 -16.33
C ASN F 207 -20.42 32.90 -15.35
N THR F 208 -20.15 34.18 -15.62
CA THR F 208 -20.56 35.23 -14.70
C THR F 208 -22.04 35.58 -14.86
N ILE F 209 -22.64 35.24 -15.99
CA ILE F 209 -24.09 35.35 -16.08
C ILE F 209 -24.76 34.35 -15.15
N GLU F 210 -24.39 33.06 -15.23
CA GLU F 210 -25.05 32.07 -14.40
C GLU F 210 -24.94 32.44 -12.92
N ALA F 211 -23.87 33.14 -12.54
CA ALA F 211 -23.72 33.59 -11.16
C ALA F 211 -24.82 34.55 -10.76
N LEU F 212 -25.30 35.36 -11.71
CA LEU F 212 -26.39 36.28 -11.41
C LEU F 212 -27.58 35.56 -10.80
N PHE F 213 -27.78 34.30 -11.17
CA PHE F 213 -29.06 33.65 -10.86
C PHE F 213 -28.96 32.87 -9.57
ZN ZN G . 19.53 13.93 1.60
ZN ZN H . -12.48 -11.50 -26.19
P PO4 I . -5.44 -4.43 -9.66
O1 PO4 I . -6.27 -3.34 -9.04
O2 PO4 I . -4.49 -5.01 -8.63
O3 PO4 I . -6.34 -5.53 -10.18
O4 PO4 I . -4.65 -3.90 -10.82
ZN ZN J . 12.28 -22.98 -24.46
ZN ZN K . 6.41 -31.26 18.64
P PO4 L . 8.46 -26.16 36.75
O1 PO4 L . 8.12 -26.53 38.18
O2 PO4 L . 8.21 -24.68 36.53
O3 PO4 L . 9.92 -26.53 36.52
O4 PO4 L . 7.60 -26.94 35.75
ZN ZN M . -13.27 26.55 8.51
ZN ZN N . 2.40 26.95 -45.10
#